data_4J9V
#
_entry.id   4J9V
#
_cell.length_a   109.324
_cell.length_b   109.324
_cell.length_c   337.656
_cell.angle_alpha   90.000
_cell.angle_beta   90.000
_cell.angle_gamma   120.000
#
_symmetry.space_group_name_H-M   'P 61 2 2'
#
loop_
_entity.id
_entity.type
_entity.pdbx_description
1 polymer 'Potassium uptake protein TrkA'
2 non-polymer 'PHOSPHOTHIOPHOSPHORIC ACID-ADENYLATE ESTER'
3 non-polymer 'MAGNESIUM ION'
4 non-polymer 'SULFATE ION'
5 water water
#
_entity_poly.entity_id   1
_entity_poly.type   'polypeptide(L)'
_entity_poly.pdbx_seq_one_letter_code
;MKIIILGAGQVGGTLAENLVGENNDITIVDNNADRLRELQDKYDLRVVNGHASHPDVLHEAGAQDADMLVAVTNTDETNM
AACQVAFTLFNTPNRVARIRSPEYLAEKEALFKSGAIPVDHLIAPEELVTSYIERLIQYPGALQVVSFAEQKVSLVAVKA
YYGGPLVGNALSALREHMPHIDTRVAAIFRQGRPIRPQGTTIIEADDEVFFVAASNHIRSVMSELQRLEKPYRRIMIVGG
GNIGASLAKRLEQTYSVKLIERDYQRAEKLSEQLENTIVFCGDAADQELLTEENIDQVDVFIALTNEDETNIMSAMLAKR
MGAKKVMVLIQRGAYVDLVQGGVIDVAISPQQATISALLTHVRRADIVNVSSLRRGAAEAIEAVAHGDETTSKVVGRAIG
DIKLPPGTTIGAVVRGEEVLIAHDRTVIEQDDHVVMFLVDKKYVPDVEALFQPSPFFL
;
_entity_poly.pdbx_strand_id   A,B
#
# COMPACT_ATOMS: atom_id res chain seq x y z
N MET A 1 -16.42 -24.34 -6.20
CA MET A 1 -15.22 -23.56 -5.88
C MET A 1 -15.35 -22.11 -6.36
N LYS A 2 -15.54 -21.20 -5.40
CA LYS A 2 -15.80 -19.80 -5.69
C LYS A 2 -14.52 -18.96 -5.49
N ILE A 3 -13.92 -18.49 -6.59
CA ILE A 3 -12.60 -17.85 -6.53
C ILE A 3 -12.58 -16.36 -6.90
N ILE A 4 -12.01 -15.55 -6.01
CA ILE A 4 -11.81 -14.14 -6.30
C ILE A 4 -10.32 -13.85 -6.55
N ILE A 5 -10.02 -13.25 -7.70
CA ILE A 5 -8.65 -12.87 -8.01
C ILE A 5 -8.55 -11.36 -8.00
N LEU A 6 -7.74 -10.84 -7.09
CA LEU A 6 -7.55 -9.41 -6.95
C LEU A 6 -6.38 -8.96 -7.80
N GLY A 7 -6.66 -8.11 -8.79
CA GLY A 7 -5.63 -7.67 -9.70
C GLY A 7 -5.55 -8.60 -10.89
N ALA A 8 -5.86 -8.08 -12.07
CA ALA A 8 -5.83 -8.86 -13.29
C ALA A 8 -4.59 -8.56 -14.14
N GLY A 9 -3.41 -8.52 -13.52
CA GLY A 9 -2.19 -8.34 -14.26
C GLY A 9 -1.79 -9.62 -14.97
N GLN A 10 -0.52 -9.75 -15.31
CA GLN A 10 0.00 -10.97 -15.94
C GLN A 10 -0.33 -12.20 -15.10
N VAL A 11 -0.04 -12.13 -13.81
CA VAL A 11 -0.26 -13.25 -12.91
C VAL A 11 -1.75 -13.52 -12.67
N GLY A 12 -2.51 -12.49 -12.31
CA GLY A 12 -3.93 -12.65 -12.08
C GLY A 12 -4.70 -13.15 -13.28
N GLY A 13 -4.43 -12.53 -14.43
CA GLY A 13 -5.08 -12.90 -15.67
C GLY A 13 -4.75 -14.31 -16.12
N THR A 14 -3.46 -14.65 -16.14
CA THR A 14 -3.02 -15.98 -16.53
C THR A 14 -3.64 -17.02 -15.61
N LEU A 15 -3.70 -16.73 -14.31
CA LEU A 15 -4.36 -17.60 -13.35
C LEU A 15 -5.81 -17.78 -13.74
N ALA A 16 -6.49 -16.67 -13.95
CA ALA A 16 -7.89 -16.69 -14.37
C ALA A 16 -8.08 -17.54 -15.62
N GLU A 17 -7.14 -17.43 -16.55
CA GLU A 17 -7.19 -18.20 -17.79
C GLU A 17 -7.11 -19.69 -17.51
N ASN A 18 -6.23 -20.07 -16.58
CA ASN A 18 -6.08 -21.48 -16.25
C ASN A 18 -7.20 -22.07 -15.37
N LEU A 19 -8.06 -21.25 -14.77
CA LEU A 19 -9.08 -21.79 -13.86
C LEU A 19 -10.52 -21.76 -14.35
N VAL A 20 -10.78 -21.19 -15.52
CA VAL A 20 -12.14 -21.19 -16.07
C VAL A 20 -12.63 -22.62 -16.36
N GLY A 21 -13.85 -22.93 -15.93
CA GLY A 21 -14.41 -24.25 -16.13
C GLY A 21 -15.74 -24.49 -15.44
N GLU A 22 -16.07 -25.76 -15.23
CA GLU A 22 -17.37 -26.15 -14.67
C GLU A 22 -17.40 -26.04 -13.16
N ASN A 23 -16.35 -26.55 -12.52
CA ASN A 23 -16.29 -26.62 -11.06
C ASN A 23 -15.68 -25.38 -10.42
N ASN A 24 -15.43 -24.36 -11.24
CA ASN A 24 -14.82 -23.12 -10.79
C ASN A 24 -15.57 -21.85 -11.24
N ASP A 25 -15.94 -21.00 -10.27
CA ASP A 25 -16.55 -19.70 -10.55
C ASP A 25 -15.58 -18.55 -10.28
N ILE A 26 -14.97 -18.03 -11.33
CA ILE A 26 -13.92 -17.01 -11.23
C ILE A 26 -14.43 -15.57 -11.29
N THR A 27 -14.11 -14.79 -10.27
CA THR A 27 -14.34 -13.35 -10.29
C THR A 27 -13.01 -12.62 -10.18
N ILE A 28 -12.79 -11.66 -11.08
CA ILE A 28 -11.56 -10.86 -11.01
C ILE A 28 -11.84 -9.40 -10.68
N VAL A 29 -11.10 -8.87 -9.73
CA VAL A 29 -11.20 -7.46 -9.36
C VAL A 29 -9.99 -6.69 -9.92
N ASP A 30 -10.25 -5.54 -10.51
CA ASP A 30 -9.19 -4.70 -11.03
C ASP A 30 -9.75 -3.29 -11.17
N ASN A 31 -8.92 -2.27 -11.00
CA ASN A 31 -9.40 -0.91 -11.12
C ASN A 31 -9.20 -0.35 -12.52
N ASN A 32 -8.56 -1.14 -13.38
CA ASN A 32 -8.37 -0.72 -14.76
C ASN A 32 -9.43 -1.35 -15.66
N ALA A 33 -10.38 -0.52 -16.10
CA ALA A 33 -11.50 -0.97 -16.91
C ALA A 33 -11.06 -1.65 -18.20
N ASP A 34 -9.95 -1.19 -18.78
CA ASP A 34 -9.48 -1.72 -20.05
C ASP A 34 -9.07 -3.17 -19.89
N ARG A 35 -8.39 -3.47 -18.78
CA ARG A 35 -7.93 -4.82 -18.50
C ARG A 35 -9.09 -5.77 -18.25
N LEU A 36 -10.17 -5.25 -17.68
CA LEU A 36 -11.34 -6.09 -17.41
C LEU A 36 -12.06 -6.52 -18.70
N ARG A 37 -12.36 -5.56 -19.57
CA ARG A 37 -13.04 -5.83 -20.83
C ARG A 37 -12.30 -6.90 -21.62
N GLU A 38 -10.98 -6.73 -21.72
CA GLU A 38 -10.11 -7.64 -22.45
C GLU A 38 -10.21 -9.08 -21.96
N LEU A 39 -10.22 -9.26 -20.64
CA LEU A 39 -10.26 -10.59 -20.06
C LEU A 39 -11.62 -11.25 -20.22
N GLN A 40 -12.68 -10.46 -20.08
CA GLN A 40 -14.03 -10.97 -20.17
C GLN A 40 -14.40 -11.49 -21.57
N ASP A 41 -13.83 -10.86 -22.59
CA ASP A 41 -14.04 -11.28 -23.97
C ASP A 41 -13.58 -12.72 -24.20
N LYS A 42 -12.45 -13.08 -23.61
CA LYS A 42 -11.82 -14.38 -23.82
C LYS A 42 -12.38 -15.50 -22.93
N TYR A 43 -12.75 -15.16 -21.71
CA TYR A 43 -13.11 -16.17 -20.72
C TYR A 43 -14.43 -15.90 -20.01
N ASP A 44 -15.02 -16.96 -19.47
CA ASP A 44 -16.28 -16.84 -18.73
C ASP A 44 -15.98 -16.57 -17.27
N LEU A 45 -15.98 -15.29 -16.91
CA LEU A 45 -15.76 -14.91 -15.53
C LEU A 45 -16.44 -13.58 -15.21
N ARG A 46 -16.51 -13.25 -13.94
CA ARG A 46 -17.13 -12.02 -13.51
C ARG A 46 -16.05 -10.99 -13.19
N VAL A 47 -16.33 -9.72 -13.52
CA VAL A 47 -15.37 -8.65 -13.31
C VAL A 47 -15.90 -7.56 -12.38
N VAL A 48 -15.04 -7.07 -11.48
CA VAL A 48 -15.40 -5.96 -10.60
C VAL A 48 -14.40 -4.82 -10.74
N ASN A 49 -14.90 -3.64 -11.08
CA ASN A 49 -14.06 -2.46 -11.26
C ASN A 49 -13.99 -1.64 -9.98
N GLY A 50 -12.86 -1.70 -9.29
CA GLY A 50 -12.68 -0.97 -8.04
C GLY A 50 -11.36 -1.28 -7.37
N HIS A 51 -11.14 -0.71 -6.19
CA HIS A 51 -9.92 -0.97 -5.43
C HIS A 51 -10.03 -2.28 -4.66
N ALA A 52 -9.07 -3.17 -4.85
CA ALA A 52 -9.14 -4.54 -4.36
C ALA A 52 -9.27 -4.71 -2.84
N SER A 53 -8.96 -3.68 -2.07
CA SER A 53 -8.99 -3.81 -0.63
C SER A 53 -10.10 -2.98 0.03
N HIS A 54 -10.92 -2.34 -0.79
CA HIS A 54 -12.08 -1.61 -0.30
C HIS A 54 -13.20 -2.58 0.08
N PRO A 55 -13.79 -2.38 1.26
CA PRO A 55 -14.84 -3.27 1.79
C PRO A 55 -16.00 -3.49 0.82
N ASP A 56 -16.42 -2.44 0.13
CA ASP A 56 -17.54 -2.54 -0.81
C ASP A 56 -17.16 -3.27 -2.10
N VAL A 57 -15.96 -2.99 -2.60
CA VAL A 57 -15.46 -3.67 -3.80
C VAL A 57 -15.37 -5.16 -3.50
N LEU A 58 -14.82 -5.48 -2.34
CA LEU A 58 -14.70 -6.87 -1.90
C LEU A 58 -16.06 -7.52 -1.68
N HIS A 59 -17.01 -6.75 -1.14
CA HIS A 59 -18.36 -7.24 -0.94
C HIS A 59 -19.00 -7.52 -2.28
N GLU A 60 -18.81 -6.61 -3.22
CA GLU A 60 -19.37 -6.74 -4.56
C GLU A 60 -18.82 -7.94 -5.31
N ALA A 61 -17.65 -8.42 -4.88
CA ALA A 61 -17.07 -9.61 -5.49
C ALA A 61 -17.51 -10.87 -4.75
N GLY A 62 -18.31 -10.69 -3.70
CA GLY A 62 -18.88 -11.79 -2.96
C GLY A 62 -17.88 -12.51 -2.07
N ALA A 63 -17.21 -11.75 -1.22
CA ALA A 63 -16.18 -12.30 -0.34
C ALA A 63 -16.75 -13.11 0.82
N GLN A 64 -18.01 -12.85 1.19
CA GLN A 64 -18.62 -13.61 2.28
C GLN A 64 -18.79 -15.08 1.90
N ASP A 65 -19.15 -15.32 0.64
CA ASP A 65 -19.49 -16.65 0.18
C ASP A 65 -18.33 -17.39 -0.46
N ALA A 66 -17.34 -16.66 -0.96
CA ALA A 66 -16.25 -17.26 -1.71
C ALA A 66 -15.43 -18.24 -0.90
N ASP A 67 -14.74 -19.15 -1.60
CA ASP A 67 -14.00 -20.23 -0.97
C ASP A 67 -12.51 -19.99 -1.03
N MET A 68 -12.09 -19.09 -1.90
CA MET A 68 -10.69 -18.68 -1.98
C MET A 68 -10.49 -17.24 -2.44
N LEU A 69 -9.52 -16.56 -1.83
CA LEU A 69 -9.16 -15.20 -2.21
C LEU A 69 -7.71 -15.14 -2.64
N VAL A 70 -7.46 -14.71 -3.87
CA VAL A 70 -6.09 -14.57 -4.38
C VAL A 70 -5.75 -13.10 -4.64
N ALA A 71 -4.78 -12.59 -3.89
CA ALA A 71 -4.40 -11.19 -3.99
C ALA A 71 -3.09 -11.02 -4.77
N VAL A 72 -3.23 -10.58 -6.01
CA VAL A 72 -2.08 -10.36 -6.87
C VAL A 72 -2.18 -8.97 -7.51
N THR A 73 -2.27 -7.96 -6.66
CA THR A 73 -2.23 -6.59 -7.15
C THR A 73 -0.79 -6.10 -7.36
N ASN A 74 -0.65 -4.80 -7.57
CA ASN A 74 0.64 -4.18 -7.84
C ASN A 74 1.54 -4.11 -6.60
N THR A 75 0.89 -4.19 -5.44
CA THR A 75 1.53 -3.82 -4.19
C THR A 75 1.30 -4.84 -3.06
N ASP A 76 2.33 -5.12 -2.28
CA ASP A 76 2.17 -6.03 -1.15
C ASP A 76 1.21 -5.43 -0.13
N GLU A 77 1.34 -4.14 0.11
CA GLU A 77 0.52 -3.47 1.11
C GLU A 77 -0.98 -3.48 0.79
N THR A 78 -1.29 -3.55 -0.50
CA THR A 78 -2.69 -3.66 -0.93
C THR A 78 -3.15 -5.12 -0.80
N ASN A 79 -2.30 -6.05 -1.19
CA ASN A 79 -2.57 -7.46 -0.99
C ASN A 79 -2.82 -7.78 0.48
N MET A 80 -1.98 -7.24 1.36
CA MET A 80 -2.10 -7.47 2.79
C MET A 80 -3.39 -6.84 3.33
N ALA A 81 -3.66 -5.62 2.88
CA ALA A 81 -4.86 -4.90 3.29
C ALA A 81 -6.11 -5.61 2.80
N ALA A 82 -6.03 -6.20 1.61
CA ALA A 82 -7.18 -6.90 1.05
C ALA A 82 -7.49 -8.13 1.88
N CYS A 83 -6.46 -8.89 2.22
CA CYS A 83 -6.63 -10.10 3.05
C CYS A 83 -7.11 -9.77 4.47
N GLN A 84 -6.63 -8.68 5.03
CA GLN A 84 -7.11 -8.25 6.33
C GLN A 84 -8.57 -7.87 6.24
N VAL A 85 -8.91 -6.98 5.30
CA VAL A 85 -10.27 -6.49 5.17
C VAL A 85 -11.27 -7.61 4.86
N ALA A 86 -10.86 -8.54 4.00
CA ALA A 86 -11.71 -9.67 3.62
C ALA A 86 -11.99 -10.57 4.82
N PHE A 87 -10.94 -10.89 5.56
CA PHE A 87 -11.02 -11.75 6.73
C PHE A 87 -11.86 -11.13 7.82
N THR A 88 -11.55 -9.88 8.16
CA THR A 88 -12.23 -9.20 9.25
C THR A 88 -13.71 -8.97 8.96
N LEU A 89 -14.05 -8.64 7.72
CA LEU A 89 -15.42 -8.27 7.40
C LEU A 89 -16.31 -9.40 6.87
N PHE A 90 -15.71 -10.43 6.28
CA PHE A 90 -16.48 -11.46 5.58
C PHE A 90 -16.02 -12.89 5.88
N ASN A 91 -15.01 -13.04 6.73
CA ASN A 91 -14.45 -14.34 7.10
C ASN A 91 -14.09 -15.23 5.90
N THR A 92 -13.57 -14.60 4.84
CA THR A 92 -13.23 -15.31 3.62
C THR A 92 -12.11 -16.31 3.83
N PRO A 93 -12.42 -17.60 3.64
CA PRO A 93 -11.44 -18.69 3.82
C PRO A 93 -10.36 -18.66 2.75
N ASN A 94 -9.27 -19.40 2.98
CA ASN A 94 -8.17 -19.55 2.02
C ASN A 94 -7.68 -18.29 1.29
N ARG A 95 -6.93 -17.47 2.01
CA ARG A 95 -6.45 -16.20 1.46
C ARG A 95 -5.00 -16.27 1.00
N VAL A 96 -4.79 -16.30 -0.31
CA VAL A 96 -3.46 -16.35 -0.87
C VAL A 96 -3.01 -14.97 -1.33
N ALA A 97 -1.78 -14.57 -1.00
CA ALA A 97 -1.27 -13.25 -1.38
C ALA A 97 0.16 -13.28 -1.89
N ARG A 98 0.41 -12.52 -2.95
CA ARG A 98 1.75 -12.32 -3.46
C ARG A 98 2.48 -11.27 -2.62
N ILE A 99 3.63 -11.66 -2.07
CA ILE A 99 4.47 -10.74 -1.31
C ILE A 99 5.87 -10.77 -1.90
N ARG A 100 6.28 -9.67 -2.49
CA ARG A 100 7.54 -9.58 -3.22
C ARG A 100 8.71 -9.12 -2.35
N SER A 101 8.36 -8.54 -1.21
CA SER A 101 9.34 -7.98 -0.29
C SER A 101 9.95 -8.98 0.67
N PRO A 102 11.27 -9.22 0.55
CA PRO A 102 12.00 -10.14 1.42
C PRO A 102 11.98 -9.68 2.87
N GLU A 103 11.84 -8.37 3.06
CA GLU A 103 11.73 -7.79 4.38
C GLU A 103 10.53 -8.36 5.16
N TYR A 104 9.40 -8.53 4.47
CA TYR A 104 8.20 -9.08 5.09
C TYR A 104 8.36 -10.57 5.38
N LEU A 105 8.96 -11.28 4.43
CA LEU A 105 9.18 -12.72 4.54
C LEU A 105 10.19 -13.04 5.64
N ALA A 106 11.12 -12.11 5.86
CA ALA A 106 12.07 -12.24 6.95
C ALA A 106 11.36 -12.34 8.30
N GLU A 107 10.18 -11.74 8.39
CA GLU A 107 9.36 -11.82 9.59
C GLU A 107 8.06 -12.56 9.29
N LYS A 108 8.07 -13.45 8.30
CA LYS A 108 6.85 -14.14 7.91
C LYS A 108 6.21 -14.92 9.07
N GLU A 109 7.04 -15.45 9.95
CA GLU A 109 6.55 -16.19 11.10
C GLU A 109 5.72 -15.31 12.04
N ALA A 110 6.26 -14.15 12.38
CA ALA A 110 5.64 -13.28 13.37
C ALA A 110 4.48 -12.46 12.81
N LEU A 111 4.50 -12.23 11.49
CA LEU A 111 3.54 -11.33 10.85
C LEU A 111 2.34 -12.06 10.28
N PHE A 112 2.58 -13.18 9.60
CA PHE A 112 1.54 -13.86 8.86
C PHE A 112 1.09 -15.12 9.58
N LYS A 113 2.08 -15.93 9.95
CA LYS A 113 1.83 -17.22 10.59
C LYS A 113 1.30 -17.10 12.02
N SER A 114 1.08 -15.87 12.46
CA SER A 114 0.47 -15.62 13.76
C SER A 114 -0.97 -15.12 13.55
N GLY A 115 -1.31 -14.80 12.31
CA GLY A 115 -2.64 -14.35 11.97
C GLY A 115 -2.85 -12.88 12.26
N ALA A 116 -1.75 -12.17 12.50
CA ALA A 116 -1.75 -10.71 12.66
C ALA A 116 -2.19 -10.09 11.36
N ILE A 117 -1.44 -10.40 10.31
CA ILE A 117 -1.87 -10.15 8.94
C ILE A 117 -2.42 -11.46 8.41
N PRO A 118 -3.74 -11.52 8.20
CA PRO A 118 -4.43 -12.79 7.94
C PRO A 118 -4.16 -13.35 6.54
N VAL A 119 -2.92 -13.67 6.23
CA VAL A 119 -2.61 -14.36 5.00
C VAL A 119 -2.37 -15.84 5.27
N ASP A 120 -3.08 -16.70 4.54
CA ASP A 120 -2.93 -18.14 4.72
C ASP A 120 -1.71 -18.67 3.98
N HIS A 121 -1.49 -18.19 2.76
CA HIS A 121 -0.37 -18.64 1.96
C HIS A 121 0.31 -17.48 1.25
N LEU A 122 1.60 -17.33 1.53
CA LEU A 122 2.42 -16.33 0.89
C LEU A 122 2.92 -16.92 -0.40
N ILE A 123 2.82 -16.15 -1.47
CA ILE A 123 3.51 -16.53 -2.70
C ILE A 123 4.64 -15.53 -2.86
N ALA A 124 5.86 -16.02 -2.70
CA ALA A 124 7.05 -15.17 -2.73
C ALA A 124 7.86 -15.41 -4.00
N PRO A 125 7.58 -14.62 -5.05
CA PRO A 125 8.18 -14.84 -6.37
C PRO A 125 9.71 -14.79 -6.37
N GLU A 126 10.30 -13.89 -5.59
CA GLU A 126 11.74 -13.80 -5.54
C GLU A 126 12.33 -15.07 -4.91
N GLU A 127 11.66 -15.61 -3.88
CA GLU A 127 12.15 -16.82 -3.22
C GLU A 127 12.07 -18.04 -4.12
N LEU A 128 10.93 -18.19 -4.79
CA LEU A 128 10.69 -19.31 -5.70
C LEU A 128 11.75 -19.39 -6.80
N VAL A 129 12.04 -18.25 -7.42
CA VAL A 129 13.04 -18.19 -8.48
C VAL A 129 14.42 -18.61 -7.99
N THR A 130 14.80 -18.09 -6.84
CA THR A 130 16.09 -18.42 -6.23
C THR A 130 16.17 -19.91 -5.95
N SER A 131 15.09 -20.48 -5.45
CA SER A 131 15.04 -21.93 -5.21
C SER A 131 15.13 -22.73 -6.50
N TYR A 132 14.48 -22.25 -7.57
CA TYR A 132 14.47 -22.99 -8.82
C TYR A 132 15.86 -23.03 -9.45
N ILE A 133 16.50 -21.86 -9.58
CA ILE A 133 17.83 -21.77 -10.16
C ILE A 133 18.81 -22.65 -9.39
N GLU A 134 18.78 -22.52 -8.07
CA GLU A 134 19.58 -23.35 -7.20
C GLU A 134 19.35 -24.84 -7.47
N ARG A 135 18.09 -25.22 -7.69
CA ARG A 135 17.77 -26.62 -7.96
C ARG A 135 18.33 -27.07 -9.31
N LEU A 136 18.41 -26.15 -10.27
CA LEU A 136 19.01 -26.45 -11.56
C LEU A 136 20.50 -26.67 -11.40
N ILE A 137 21.12 -25.83 -10.57
CA ILE A 137 22.55 -25.92 -10.31
C ILE A 137 22.89 -27.27 -9.72
N GLN A 138 21.97 -27.80 -8.92
CA GLN A 138 22.14 -29.08 -8.26
C GLN A 138 22.21 -30.24 -9.22
N TYR A 139 21.61 -30.09 -10.39
CA TYR A 139 21.61 -31.15 -11.39
C TYR A 139 22.22 -30.72 -12.70
N PRO A 140 23.56 -30.66 -12.76
CA PRO A 140 24.24 -30.21 -13.99
C PRO A 140 23.84 -30.99 -15.23
N GLY A 141 23.36 -30.26 -16.22
CA GLY A 141 22.85 -30.84 -17.45
C GLY A 141 21.35 -30.68 -17.54
N ALA A 142 20.72 -30.41 -16.40
CA ALA A 142 19.26 -30.27 -16.36
C ALA A 142 18.78 -28.92 -16.87
N LEU A 143 17.94 -29.00 -17.90
CA LEU A 143 17.40 -27.85 -18.61
C LEU A 143 16.15 -27.28 -17.92
N GLN A 144 15.39 -28.15 -17.27
CA GLN A 144 14.17 -27.75 -16.59
C GLN A 144 13.75 -28.84 -15.62
N VAL A 145 13.31 -28.43 -14.43
CA VAL A 145 12.77 -29.40 -13.48
C VAL A 145 11.31 -29.05 -13.29
N VAL A 146 10.46 -30.02 -13.59
CA VAL A 146 9.03 -29.77 -13.51
C VAL A 146 8.48 -30.32 -12.22
N SER A 147 7.63 -29.52 -11.58
CA SER A 147 7.06 -29.83 -10.30
C SER A 147 5.54 -29.96 -10.43
N PHE A 148 4.95 -30.70 -9.50
CA PHE A 148 3.50 -30.90 -9.47
C PHE A 148 3.05 -30.62 -8.05
N ALA A 149 1.74 -30.61 -7.82
CA ALA A 149 1.22 -30.40 -6.47
C ALA A 149 1.54 -31.64 -5.62
N GLU A 150 1.86 -32.73 -6.30
CA GLU A 150 2.35 -33.95 -5.67
C GLU A 150 3.86 -33.84 -5.66
N GLN A 151 4.42 -33.53 -4.50
CA GLN A 151 5.84 -33.22 -4.40
C GLN A 151 6.74 -34.43 -4.56
N LYS A 152 6.12 -35.60 -4.56
CA LYS A 152 6.84 -36.87 -4.69
C LYS A 152 7.33 -37.13 -6.10
N VAL A 153 6.75 -36.46 -7.08
CA VAL A 153 7.09 -36.70 -8.48
C VAL A 153 7.58 -35.42 -9.20
N SER A 154 8.52 -35.58 -10.13
CA SER A 154 9.07 -34.48 -10.90
C SER A 154 9.38 -34.90 -12.34
N LEU A 155 9.56 -33.93 -13.23
CA LEU A 155 10.12 -34.20 -14.55
C LEU A 155 11.46 -33.48 -14.69
N VAL A 156 12.39 -34.10 -15.42
CA VAL A 156 13.67 -33.49 -15.69
C VAL A 156 13.87 -33.39 -17.20
N ALA A 157 14.08 -32.18 -17.68
CA ALA A 157 14.32 -31.94 -19.10
C ALA A 157 15.82 -31.85 -19.39
N VAL A 158 16.24 -32.44 -20.50
CA VAL A 158 17.61 -32.31 -20.97
C VAL A 158 17.62 -32.07 -22.48
N LYS A 159 18.70 -31.48 -22.98
CA LYS A 159 18.82 -31.17 -24.39
C LYS A 159 19.64 -32.23 -25.11
N ALA A 160 19.08 -32.79 -26.18
CA ALA A 160 19.81 -33.80 -26.95
C ALA A 160 20.85 -33.13 -27.83
N TYR A 161 22.03 -33.76 -27.93
CA TYR A 161 23.13 -33.23 -28.72
C TYR A 161 23.81 -34.35 -29.51
N TYR A 162 24.51 -34.01 -30.59
CA TYR A 162 25.14 -35.03 -31.45
C TYR A 162 26.12 -35.85 -30.64
N GLY A 163 26.16 -37.16 -30.89
CA GLY A 163 27.04 -38.06 -30.16
C GLY A 163 26.73 -38.07 -28.68
N GLY A 164 25.44 -38.08 -28.38
CA GLY A 164 24.94 -38.14 -27.02
C GLY A 164 24.15 -39.42 -26.94
N PRO A 165 23.83 -39.86 -25.73
CA PRO A 165 23.14 -41.13 -25.51
C PRO A 165 21.79 -41.08 -26.21
N LEU A 166 21.17 -39.91 -26.16
CA LEU A 166 19.81 -39.73 -26.66
C LEU A 166 19.62 -39.64 -28.17
N VAL A 167 20.38 -38.76 -28.83
CA VAL A 167 20.18 -38.50 -30.25
C VAL A 167 20.28 -39.75 -31.10
N GLY A 168 19.33 -39.90 -32.01
CA GLY A 168 19.31 -41.00 -32.96
C GLY A 168 18.45 -42.15 -32.48
N ASN A 169 18.40 -42.38 -31.18
CA ASN A 169 17.64 -43.50 -30.64
C ASN A 169 16.16 -43.20 -30.55
N ALA A 170 15.34 -44.13 -31.03
CA ALA A 170 13.90 -44.07 -30.84
C ALA A 170 13.61 -44.35 -29.37
N LEU A 171 12.41 -43.97 -28.94
CA LEU A 171 12.04 -44.12 -27.53
C LEU A 171 12.01 -45.59 -27.10
N SER A 172 11.53 -46.45 -27.98
CA SER A 172 11.47 -47.89 -27.70
C SER A 172 12.86 -48.51 -27.56
N ALA A 173 13.85 -47.93 -28.23
CA ALA A 173 15.22 -48.46 -28.19
C ALA A 173 15.90 -48.16 -26.87
N LEU A 174 15.38 -47.18 -26.14
CA LEU A 174 15.92 -46.79 -24.85
C LEU A 174 15.39 -47.73 -23.77
N ARG A 175 14.20 -48.25 -24.02
CA ARG A 175 13.52 -49.18 -23.12
C ARG A 175 14.22 -50.55 -23.09
N GLU A 176 15.20 -50.73 -23.96
CA GLU A 176 15.98 -51.97 -24.00
C GLU A 176 17.11 -51.89 -22.97
N HIS A 177 17.33 -50.69 -22.45
CA HIS A 177 18.36 -50.47 -21.44
C HIS A 177 17.66 -50.29 -20.12
N MET A 178 17.76 -51.29 -19.24
CA MET A 178 17.05 -51.26 -17.95
C MET A 178 17.97 -51.29 -16.72
N PRO A 179 19.14 -50.63 -16.80
CA PRO A 179 20.07 -50.89 -15.71
C PRO A 179 19.72 -50.04 -14.48
N HIS A 180 19.68 -50.66 -13.30
CA HIS A 180 19.41 -49.97 -12.02
C HIS A 180 18.10 -49.18 -11.91
N ILE A 181 17.93 -48.15 -12.74
CA ILE A 181 16.73 -47.32 -12.69
C ILE A 181 16.16 -47.11 -14.10
N ASP A 182 14.84 -47.15 -14.19
CA ASP A 182 14.12 -47.01 -15.46
C ASP A 182 13.13 -45.86 -15.44
N THR A 183 13.14 -45.09 -16.52
CA THR A 183 12.27 -43.94 -16.61
C THR A 183 11.54 -43.97 -17.94
N ARG A 184 10.64 -43.02 -18.11
CA ARG A 184 9.80 -42.93 -19.29
C ARG A 184 9.75 -41.47 -19.72
N VAL A 185 9.79 -41.23 -21.02
CA VAL A 185 9.77 -39.88 -21.54
C VAL A 185 8.37 -39.29 -21.44
N ALA A 186 8.26 -38.13 -20.79
CA ALA A 186 6.97 -37.53 -20.53
C ALA A 186 6.52 -36.57 -21.64
N ALA A 187 7.50 -35.92 -22.27
CA ALA A 187 7.19 -34.91 -23.27
C ALA A 187 8.40 -34.62 -24.15
N ILE A 188 8.13 -34.12 -25.35
CA ILE A 188 9.19 -33.68 -26.22
C ILE A 188 8.82 -32.29 -26.74
N PHE A 189 9.83 -31.45 -26.89
CA PHE A 189 9.68 -30.14 -27.47
C PHE A 189 10.81 -29.94 -28.45
N ARG A 190 10.53 -30.04 -29.74
CA ARG A 190 11.55 -29.70 -30.72
C ARG A 190 11.09 -28.47 -31.47
N GLN A 191 12.03 -27.56 -31.73
CA GLN A 191 11.72 -26.33 -32.45
C GLN A 191 10.58 -25.57 -31.79
N GLY A 192 10.46 -25.74 -30.48
CA GLY A 192 9.46 -25.04 -29.71
C GLY A 192 8.06 -25.61 -29.82
N ARG A 193 7.92 -26.75 -30.51
CA ARG A 193 6.61 -27.36 -30.64
C ARG A 193 6.59 -28.70 -29.92
N PRO A 194 5.48 -29.01 -29.23
CA PRO A 194 5.36 -30.24 -28.45
C PRO A 194 5.07 -31.46 -29.31
N ILE A 195 5.77 -32.55 -29.02
CA ILE A 195 5.55 -33.81 -29.71
C ILE A 195 5.08 -34.83 -28.68
N ARG A 196 4.00 -35.54 -28.99
CA ARG A 196 3.52 -36.59 -28.10
C ARG A 196 4.46 -37.79 -28.17
N PRO A 197 5.05 -38.16 -27.02
CA PRO A 197 6.02 -39.25 -26.94
C PRO A 197 5.40 -40.61 -27.27
N GLN A 198 5.81 -41.19 -28.39
CA GLN A 198 5.37 -42.51 -28.79
C GLN A 198 6.55 -43.47 -28.77
N GLY A 199 6.28 -44.76 -28.90
CA GLY A 199 7.33 -45.75 -28.92
C GLY A 199 8.33 -45.47 -30.03
N THR A 200 7.83 -45.06 -31.19
CA THR A 200 8.66 -44.85 -32.36
C THR A 200 8.95 -43.38 -32.62
N THR A 201 9.17 -42.62 -31.56
CA THR A 201 9.51 -41.22 -31.73
C THR A 201 11.01 -41.07 -31.67
N ILE A 202 11.61 -40.81 -32.82
CA ILE A 202 13.05 -40.64 -32.92
C ILE A 202 13.51 -39.29 -32.36
N ILE A 203 14.40 -39.35 -31.37
CA ILE A 203 14.95 -38.14 -30.77
C ILE A 203 15.94 -37.46 -31.70
N GLU A 204 15.62 -36.23 -32.07
CA GLU A 204 16.51 -35.41 -32.90
C GLU A 204 17.32 -34.48 -32.01
N ALA A 205 18.36 -33.87 -32.58
CA ALA A 205 19.20 -32.96 -31.82
C ALA A 205 18.42 -31.72 -31.40
N ASP A 206 18.85 -31.11 -30.30
CA ASP A 206 18.27 -29.86 -29.80
C ASP A 206 16.81 -29.98 -29.37
N ASP A 207 16.34 -31.22 -29.23
CA ASP A 207 15.03 -31.50 -28.65
C ASP A 207 15.12 -31.26 -27.15
N GLU A 208 14.01 -30.83 -26.56
CA GLU A 208 13.92 -30.74 -25.11
C GLU A 208 13.16 -31.96 -24.61
N VAL A 209 13.87 -32.91 -24.03
CA VAL A 209 13.30 -34.18 -23.63
C VAL A 209 13.07 -34.27 -22.12
N PHE A 210 11.82 -34.49 -21.72
CA PHE A 210 11.43 -34.55 -20.32
C PHE A 210 11.24 -35.99 -19.84
N PHE A 211 12.03 -36.38 -18.85
CA PHE A 211 11.96 -37.72 -18.28
C PHE A 211 11.21 -37.70 -16.95
N VAL A 212 10.49 -38.77 -16.67
CA VAL A 212 9.79 -38.90 -15.40
C VAL A 212 10.73 -39.39 -14.31
N ALA A 213 10.68 -38.75 -13.15
CA ALA A 213 11.53 -39.14 -12.04
C ALA A 213 10.84 -38.86 -10.71
N ALA A 214 11.16 -39.67 -9.71
CA ALA A 214 10.74 -39.38 -8.34
C ALA A 214 11.54 -38.17 -7.90
N SER A 215 10.91 -37.25 -7.18
CA SER A 215 11.53 -35.99 -6.81
C SER A 215 12.83 -36.18 -6.00
N ASN A 216 12.92 -37.31 -5.31
CA ASN A 216 14.09 -37.62 -4.50
C ASN A 216 15.14 -38.49 -5.20
N HIS A 217 14.97 -38.72 -6.50
CA HIS A 217 15.92 -39.52 -7.27
C HIS A 217 16.26 -38.95 -8.64
N ILE A 218 16.22 -37.64 -8.78
CA ILE A 218 16.55 -36.99 -10.05
C ILE A 218 18.00 -37.25 -10.46
N ARG A 219 18.92 -37.08 -9.51
CA ARG A 219 20.34 -37.25 -9.76
C ARG A 219 20.62 -38.66 -10.26
N SER A 220 19.89 -39.61 -9.68
CA SER A 220 20.06 -41.03 -9.99
C SER A 220 19.60 -41.36 -11.42
N VAL A 221 18.54 -40.69 -11.87
CA VAL A 221 18.03 -40.90 -13.23
C VAL A 221 18.96 -40.32 -14.29
N MET A 222 19.36 -39.06 -14.10
CA MET A 222 20.25 -38.38 -15.03
C MET A 222 21.56 -39.14 -15.15
N SER A 223 22.00 -39.72 -14.04
CA SER A 223 23.23 -40.49 -14.00
C SER A 223 23.10 -41.66 -14.95
N GLU A 224 21.93 -42.31 -14.88
CA GLU A 224 21.69 -43.53 -15.65
C GLU A 224 21.26 -43.23 -17.09
N LEU A 225 21.41 -42.00 -17.52
CA LEU A 225 21.22 -41.64 -18.93
C LEU A 225 22.52 -41.10 -19.52
N GLN A 226 23.60 -41.18 -18.75
CA GLN A 226 24.89 -40.61 -19.11
C GLN A 226 24.72 -39.12 -19.42
N ARG A 227 23.81 -38.48 -18.70
CA ARG A 227 23.48 -37.09 -18.96
C ARG A 227 23.73 -36.18 -17.77
N LEU A 228 24.16 -36.78 -16.67
CA LEU A 228 24.57 -36.00 -15.51
C LEU A 228 26.01 -35.55 -15.72
N GLU A 229 26.19 -34.26 -16.02
CA GLU A 229 27.51 -33.71 -16.25
C GLU A 229 28.19 -33.47 -14.90
N LYS A 230 29.49 -33.18 -14.92
CA LYS A 230 30.22 -32.93 -13.68
C LYS A 230 29.72 -31.67 -12.98
N PRO A 231 29.78 -31.66 -11.64
CA PRO A 231 29.32 -30.53 -10.81
C PRO A 231 29.87 -29.19 -11.28
N TYR A 232 29.04 -28.16 -11.26
CA TYR A 232 29.47 -26.81 -11.60
C TYR A 232 30.43 -26.27 -10.53
N ARG A 233 31.57 -25.74 -10.97
CA ARG A 233 32.55 -25.16 -10.06
C ARG A 233 32.35 -23.65 -9.95
N ARG A 234 32.36 -22.98 -11.09
CA ARG A 234 32.41 -21.52 -11.13
C ARG A 234 31.09 -20.89 -11.61
N ILE A 235 30.47 -20.12 -10.71
CA ILE A 235 29.20 -19.46 -11.03
C ILE A 235 29.40 -17.96 -11.05
N MET A 236 28.89 -17.31 -12.10
CA MET A 236 28.98 -15.86 -12.21
C MET A 236 27.59 -15.24 -12.34
N ILE A 237 27.29 -14.32 -11.43
CA ILE A 237 25.96 -13.73 -11.35
C ILE A 237 25.97 -12.25 -11.72
N VAL A 238 25.10 -11.86 -12.66
CA VAL A 238 24.96 -10.46 -13.00
C VAL A 238 23.69 -9.86 -12.40
N GLY A 239 23.84 -8.73 -11.73
CA GLY A 239 22.73 -8.08 -11.08
C GLY A 239 22.69 -8.45 -9.61
N GLY A 240 23.02 -7.49 -8.76
CA GLY A 240 23.02 -7.71 -7.32
C GLY A 240 21.79 -7.14 -6.64
N GLY A 241 20.61 -7.49 -7.17
CA GLY A 241 19.36 -7.06 -6.57
C GLY A 241 18.85 -8.14 -5.63
N ASN A 242 17.54 -8.10 -5.35
CA ASN A 242 16.90 -9.09 -4.48
C ASN A 242 17.24 -10.52 -4.85
N ILE A 243 17.00 -10.88 -6.12
CA ILE A 243 17.22 -12.25 -6.58
C ILE A 243 18.71 -12.63 -6.63
N GLY A 244 19.52 -11.76 -7.21
CA GLY A 244 20.95 -12.01 -7.35
C GLY A 244 21.67 -12.22 -6.03
N ALA A 245 21.43 -11.32 -5.08
CA ALA A 245 22.05 -11.40 -3.76
C ALA A 245 21.58 -12.64 -3.01
N SER A 246 20.30 -12.97 -3.19
CA SER A 246 19.71 -14.12 -2.55
C SER A 246 20.37 -15.40 -3.04
N LEU A 247 20.42 -15.56 -4.36
CA LEU A 247 21.03 -16.74 -4.97
C LEU A 247 22.48 -16.91 -4.55
N ALA A 248 23.21 -15.81 -4.48
CA ALA A 248 24.63 -15.85 -4.11
C ALA A 248 24.82 -16.37 -2.69
N LYS A 249 23.99 -15.90 -1.77
CA LYS A 249 24.05 -16.32 -0.38
C LYS A 249 23.80 -17.83 -0.28
N ARG A 250 22.87 -18.33 -1.09
CA ARG A 250 22.54 -19.75 -1.07
C ARG A 250 23.69 -20.59 -1.63
N LEU A 251 24.43 -20.03 -2.59
CA LEU A 251 25.44 -20.79 -3.29
C LEU A 251 26.85 -20.68 -2.72
N GLU A 252 27.16 -19.53 -2.13
CA GLU A 252 28.54 -19.20 -1.77
C GLU A 252 29.24 -20.22 -0.86
N GLN A 253 28.46 -20.97 -0.08
CA GLN A 253 29.06 -21.93 0.85
C GLN A 253 29.48 -23.22 0.15
N THR A 254 28.89 -23.49 -1.00
CA THR A 254 29.17 -24.73 -1.72
C THR A 254 29.75 -24.50 -3.12
N TYR A 255 29.66 -23.28 -3.62
CA TYR A 255 30.20 -22.97 -4.94
C TYR A 255 31.13 -21.77 -4.94
N SER A 256 31.91 -21.64 -6.00
CA SER A 256 32.78 -20.49 -6.19
C SER A 256 32.01 -19.42 -6.98
N VAL A 257 31.59 -18.37 -6.29
CA VAL A 257 30.65 -17.41 -6.86
C VAL A 257 31.24 -16.02 -7.07
N LYS A 258 31.09 -15.50 -8.28
CA LYS A 258 31.42 -14.11 -8.55
C LYS A 258 30.14 -13.36 -8.89
N LEU A 259 30.03 -12.13 -8.40
CA LEU A 259 28.84 -11.33 -8.66
C LEU A 259 29.20 -9.97 -9.22
N ILE A 260 28.47 -9.54 -10.23
CA ILE A 260 28.69 -8.24 -10.84
C ILE A 260 27.48 -7.33 -10.64
N GLU A 261 27.74 -6.16 -10.07
CA GLU A 261 26.73 -5.18 -9.74
C GLU A 261 27.20 -3.78 -10.09
N ARG A 262 26.52 -3.12 -11.02
CA ARG A 262 27.04 -1.86 -11.58
C ARG A 262 26.93 -0.63 -10.66
N ASP A 263 26.04 -0.71 -9.67
CA ASP A 263 25.92 0.36 -8.67
C ASP A 263 26.94 0.19 -7.54
N TYR A 264 27.90 1.10 -7.46
CA TYR A 264 28.99 0.97 -6.50
C TYR A 264 28.52 1.02 -5.04
N GLN A 265 27.55 1.87 -4.74
CA GLN A 265 27.03 1.98 -3.38
C GLN A 265 26.31 0.70 -2.93
N ARG A 266 25.60 0.06 -3.85
CA ARG A 266 24.96 -1.23 -3.58
C ARG A 266 26.00 -2.34 -3.58
N ALA A 267 26.98 -2.25 -4.48
CA ALA A 267 27.99 -3.30 -4.62
C ALA A 267 28.89 -3.40 -3.40
N GLU A 268 29.23 -2.24 -2.82
CA GLU A 268 30.07 -2.21 -1.63
C GLU A 268 29.34 -2.90 -0.48
N LYS A 269 28.03 -2.69 -0.40
CA LYS A 269 27.21 -3.32 0.64
C LYS A 269 27.25 -4.84 0.53
N LEU A 270 27.21 -5.34 -0.69
CA LEU A 270 27.18 -6.78 -0.93
C LEU A 270 28.49 -7.46 -0.58
N SER A 271 29.60 -6.71 -0.64
CA SER A 271 30.92 -7.27 -0.39
C SER A 271 31.09 -7.75 1.06
N GLU A 272 30.50 -7.00 2.00
CA GLU A 272 30.57 -7.34 3.41
C GLU A 272 29.51 -8.36 3.80
N GLN A 273 28.33 -8.22 3.22
CA GLN A 273 27.19 -9.09 3.53
C GLN A 273 27.36 -10.49 2.95
N LEU A 274 28.22 -10.62 1.95
CA LEU A 274 28.52 -11.92 1.38
C LEU A 274 29.94 -12.34 1.75
N GLU A 275 30.03 -13.20 2.76
CA GLU A 275 31.32 -13.61 3.32
C GLU A 275 32.18 -14.39 2.33
N ASN A 276 31.54 -15.22 1.51
CA ASN A 276 32.28 -16.10 0.61
C ASN A 276 31.96 -15.85 -0.87
N THR A 277 31.55 -14.62 -1.19
CA THR A 277 31.32 -14.24 -2.58
C THR A 277 32.21 -13.07 -2.98
N ILE A 278 32.85 -13.17 -4.15
CA ILE A 278 33.62 -12.05 -4.68
C ILE A 278 32.69 -11.13 -5.46
N VAL A 279 32.51 -9.92 -4.96
CA VAL A 279 31.60 -8.95 -5.56
C VAL A 279 32.30 -7.87 -6.35
N PHE A 280 32.01 -7.79 -7.64
CA PHE A 280 32.57 -6.74 -8.49
C PHE A 280 31.59 -5.64 -8.85
N CYS A 281 32.06 -4.40 -8.80
CA CYS A 281 31.30 -3.27 -9.31
C CYS A 281 31.67 -3.06 -10.77
N GLY A 282 30.70 -3.24 -11.66
CA GLY A 282 30.94 -3.09 -13.08
C GLY A 282 29.72 -3.40 -13.89
N ASP A 283 29.80 -3.15 -15.19
CA ASP A 283 28.67 -3.36 -16.09
C ASP A 283 28.67 -4.78 -16.66
N ALA A 284 27.50 -5.29 -16.98
CA ALA A 284 27.37 -6.67 -17.46
C ALA A 284 27.94 -6.84 -18.88
N ALA A 285 28.01 -5.77 -19.65
CA ALA A 285 28.42 -5.86 -21.04
C ALA A 285 29.90 -5.52 -21.18
N ASP A 286 30.57 -5.34 -20.05
CA ASP A 286 31.97 -4.94 -20.04
C ASP A 286 32.86 -6.14 -20.34
N GLN A 287 33.36 -6.19 -21.57
CA GLN A 287 34.15 -7.31 -22.06
C GLN A 287 35.43 -7.50 -21.25
N GLU A 288 36.05 -6.40 -20.88
CA GLU A 288 37.32 -6.44 -20.15
C GLU A 288 37.17 -6.83 -18.67
N LEU A 289 35.99 -6.63 -18.10
CA LEU A 289 35.73 -7.08 -16.73
C LEU A 289 35.44 -8.57 -16.74
N LEU A 290 34.68 -8.98 -17.73
CA LEU A 290 34.30 -10.38 -17.85
C LEU A 290 35.53 -11.22 -18.18
N THR A 291 36.45 -10.65 -18.95
CA THR A 291 37.67 -11.35 -19.33
C THR A 291 38.68 -11.38 -18.19
N GLU A 292 38.77 -10.27 -17.46
CA GLU A 292 39.74 -10.15 -16.38
C GLU A 292 39.42 -11.15 -15.29
N GLU A 293 38.13 -11.37 -15.06
CA GLU A 293 37.68 -12.32 -14.06
C GLU A 293 37.37 -13.68 -14.69
N ASN A 294 38.08 -13.95 -15.77
CA ASN A 294 38.03 -15.23 -16.47
C ASN A 294 36.64 -15.79 -16.69
N ILE A 295 35.90 -15.17 -17.61
CA ILE A 295 34.57 -15.66 -17.92
C ILE A 295 34.67 -16.96 -18.73
N ASP A 296 35.83 -17.19 -19.33
CA ASP A 296 36.04 -18.40 -20.10
C ASP A 296 36.06 -19.64 -19.19
N GLN A 297 36.20 -19.39 -17.90
CA GLN A 297 36.25 -20.46 -16.90
C GLN A 297 34.88 -20.75 -16.28
N VAL A 298 33.99 -19.75 -16.33
CA VAL A 298 32.67 -19.83 -15.71
C VAL A 298 31.84 -21.00 -16.19
N ASP A 299 31.38 -21.83 -15.26
CA ASP A 299 30.55 -22.97 -15.61
C ASP A 299 29.14 -22.53 -15.95
N VAL A 300 28.60 -21.60 -15.17
CA VAL A 300 27.28 -21.06 -15.48
C VAL A 300 27.20 -19.57 -15.17
N PHE A 301 26.84 -18.80 -16.19
CA PHE A 301 26.68 -17.36 -16.09
C PHE A 301 25.19 -17.07 -15.94
N ILE A 302 24.81 -16.35 -14.88
CA ILE A 302 23.40 -16.14 -14.59
C ILE A 302 23.03 -14.66 -14.56
N ALA A 303 22.25 -14.24 -15.54
CA ALA A 303 21.88 -12.83 -15.67
C ALA A 303 20.56 -12.55 -14.97
N LEU A 304 20.63 -11.86 -13.84
CA LEU A 304 19.45 -11.65 -13.01
C LEU A 304 19.09 -10.20 -12.76
N THR A 305 19.35 -9.33 -13.73
CA THR A 305 18.89 -7.95 -13.62
C THR A 305 17.41 -7.93 -13.96
N ASN A 306 16.76 -6.79 -13.78
CA ASN A 306 15.33 -6.71 -14.02
C ASN A 306 14.97 -6.40 -15.46
N GLU A 307 15.98 -6.05 -16.26
CA GLU A 307 15.75 -5.76 -17.66
C GLU A 307 16.12 -6.97 -18.49
N ASP A 308 15.14 -7.46 -19.25
CA ASP A 308 15.32 -8.66 -20.07
C ASP A 308 16.40 -8.48 -21.11
N GLU A 309 16.39 -7.33 -21.77
CA GLU A 309 17.39 -7.08 -22.82
C GLU A 309 18.79 -7.08 -22.24
N THR A 310 18.96 -6.47 -21.07
CA THR A 310 20.26 -6.45 -20.42
C THR A 310 20.73 -7.87 -20.18
N ASN A 311 19.84 -8.69 -19.60
CA ASN A 311 20.13 -10.10 -19.33
C ASN A 311 20.41 -10.90 -20.59
N ILE A 312 19.59 -10.70 -21.61
CA ILE A 312 19.75 -11.40 -22.87
C ILE A 312 21.08 -11.09 -23.51
N MET A 313 21.36 -9.80 -23.68
CA MET A 313 22.57 -9.35 -24.34
C MET A 313 23.77 -9.82 -23.54
N SER A 314 23.69 -9.66 -22.22
CA SER A 314 24.76 -10.04 -21.33
C SER A 314 25.10 -11.52 -21.47
N ALA A 315 24.11 -12.38 -21.32
CA ALA A 315 24.33 -13.82 -21.42
C ALA A 315 24.83 -14.24 -22.79
N MET A 316 24.31 -13.60 -23.84
CA MET A 316 24.77 -13.90 -25.19
C MET A 316 26.25 -13.57 -25.36
N LEU A 317 26.67 -12.51 -24.67
CA LEU A 317 28.08 -12.13 -24.65
C LEU A 317 28.90 -13.15 -23.88
N ALA A 318 28.40 -13.56 -22.73
CA ALA A 318 29.07 -14.55 -21.89
C ALA A 318 29.30 -15.87 -22.64
N LYS A 319 28.30 -16.28 -23.41
CA LYS A 319 28.39 -17.50 -24.19
C LYS A 319 29.45 -17.35 -25.29
N ARG A 320 29.45 -16.19 -25.94
CA ARG A 320 30.41 -15.89 -26.99
C ARG A 320 31.82 -15.92 -26.41
N MET A 321 31.94 -15.42 -25.18
CA MET A 321 33.23 -15.38 -24.50
C MET A 321 33.57 -16.66 -23.74
N GLY A 322 32.76 -17.69 -23.90
CA GLY A 322 33.16 -19.03 -23.48
C GLY A 322 32.55 -19.60 -22.22
N ALA A 323 31.59 -18.90 -21.62
CA ALA A 323 30.90 -19.43 -20.45
C ALA A 323 30.16 -20.70 -20.85
N LYS A 324 30.26 -21.73 -20.03
CA LYS A 324 29.72 -23.05 -20.37
C LYS A 324 28.20 -23.05 -20.54
N LYS A 325 27.49 -22.55 -19.54
CA LYS A 325 26.05 -22.43 -19.61
C LYS A 325 25.61 -21.03 -19.18
N VAL A 326 24.56 -20.50 -19.81
CA VAL A 326 24.04 -19.20 -19.45
C VAL A 326 22.54 -19.24 -19.16
N MET A 327 22.13 -18.59 -18.07
CA MET A 327 20.73 -18.51 -17.71
C MET A 327 20.31 -17.06 -17.61
N VAL A 328 19.11 -16.75 -18.14
CA VAL A 328 18.61 -15.39 -18.08
C VAL A 328 17.28 -15.30 -17.33
N LEU A 329 17.03 -14.13 -16.74
CA LEU A 329 15.75 -13.89 -16.09
C LEU A 329 14.90 -13.11 -17.07
N ILE A 330 13.83 -13.75 -17.54
CA ILE A 330 12.91 -13.12 -18.49
C ILE A 330 11.62 -12.86 -17.73
N GLN A 331 11.06 -11.67 -17.88
CA GLN A 331 9.93 -11.30 -17.04
C GLN A 331 8.69 -12.10 -17.39
N ARG A 332 8.25 -11.99 -18.64
CA ARG A 332 7.02 -12.64 -19.09
C ARG A 332 7.23 -14.05 -19.67
N GLY A 333 6.58 -15.04 -19.04
CA GLY A 333 6.74 -16.45 -19.41
C GLY A 333 6.51 -16.80 -20.87
N ALA A 334 5.81 -15.92 -21.58
CA ALA A 334 5.54 -16.10 -23.00
C ALA A 334 6.84 -16.08 -23.79
N TYR A 335 7.77 -15.26 -23.33
CA TYR A 335 9.05 -15.06 -24.00
C TYR A 335 10.06 -16.13 -23.61
N VAL A 336 9.78 -16.82 -22.51
CA VAL A 336 10.71 -17.79 -21.97
C VAL A 336 11.03 -18.91 -22.95
N ASP A 337 10.01 -19.59 -23.46
CA ASP A 337 10.25 -20.69 -24.38
C ASP A 337 10.85 -20.18 -25.69
N LEU A 338 10.53 -18.94 -26.02
CA LEU A 338 10.97 -18.32 -27.26
C LEU A 338 12.46 -18.05 -27.24
N VAL A 339 12.92 -17.42 -26.15
CA VAL A 339 14.32 -17.02 -26.04
C VAL A 339 15.21 -18.19 -25.65
N GLN A 340 14.63 -19.23 -25.07
CA GLN A 340 15.40 -20.40 -24.64
C GLN A 340 15.82 -21.31 -25.79
N GLY A 341 16.89 -22.04 -25.54
CA GLY A 341 17.33 -23.14 -26.39
C GLY A 341 18.49 -22.76 -27.28
N GLY A 342 18.29 -21.72 -28.08
CA GLY A 342 19.31 -21.26 -29.00
C GLY A 342 20.23 -20.26 -28.33
N VAL A 343 21.46 -20.67 -28.05
CA VAL A 343 22.49 -19.82 -27.42
C VAL A 343 22.26 -19.56 -25.93
N ILE A 344 21.04 -19.23 -25.56
CA ILE A 344 20.68 -19.06 -24.16
C ILE A 344 20.16 -20.39 -23.65
N ASP A 345 20.88 -20.99 -22.72
CA ASP A 345 20.56 -22.33 -22.24
C ASP A 345 19.22 -22.41 -21.49
N VAL A 346 19.02 -21.51 -20.54
CA VAL A 346 17.82 -21.53 -19.69
C VAL A 346 17.24 -20.13 -19.47
N ALA A 347 15.92 -20.00 -19.59
CA ALA A 347 15.23 -18.75 -19.27
C ALA A 347 14.21 -19.00 -18.16
N ILE A 348 14.21 -18.15 -17.15
CA ILE A 348 13.34 -18.32 -15.99
C ILE A 348 12.51 -17.07 -15.76
N SER A 349 11.21 -17.26 -15.55
CA SER A 349 10.32 -16.13 -15.28
C SER A 349 9.74 -16.13 -13.89
N PRO A 350 9.86 -14.99 -13.19
CA PRO A 350 9.26 -14.86 -11.86
C PRO A 350 7.74 -14.89 -11.93
N GLN A 351 7.18 -14.53 -13.09
CA GLN A 351 5.74 -14.57 -13.26
C GLN A 351 5.26 -16.01 -13.39
N GLN A 352 5.95 -16.78 -14.22
CA GLN A 352 5.66 -18.21 -14.39
C GLN A 352 5.69 -18.91 -13.05
N ALA A 353 6.77 -18.69 -12.31
CA ALA A 353 6.97 -19.28 -10.99
C ALA A 353 5.82 -18.97 -10.05
N THR A 354 5.35 -17.72 -10.06
CA THR A 354 4.26 -17.31 -9.18
C THR A 354 3.00 -18.06 -9.59
N ILE A 355 2.76 -18.09 -10.90
CA ILE A 355 1.60 -18.76 -11.43
C ILE A 355 1.63 -20.26 -11.13
N SER A 356 2.81 -20.85 -11.25
CA SER A 356 2.98 -22.26 -10.93
C SER A 356 2.57 -22.56 -9.49
N ALA A 357 3.11 -21.80 -8.56
CA ALA A 357 2.74 -21.94 -7.16
C ALA A 357 1.23 -21.74 -6.95
N LEU A 358 0.66 -20.76 -7.64
CA LEU A 358 -0.74 -20.42 -7.42
C LEU A 358 -1.67 -21.53 -7.89
N LEU A 359 -1.19 -22.32 -8.84
CA LEU A 359 -1.99 -23.40 -9.42
C LEU A 359 -1.95 -24.65 -8.57
N THR A 360 -0.97 -24.75 -7.70
CA THR A 360 -0.89 -25.87 -6.78
C THR A 360 -1.82 -25.66 -5.58
N HIS A 361 -2.18 -24.41 -5.29
CA HIS A 361 -3.11 -24.13 -4.19
C HIS A 361 -4.58 -24.17 -4.62
N VAL A 362 -4.87 -23.73 -5.84
CA VAL A 362 -6.24 -23.67 -6.32
C VAL A 362 -6.75 -25.01 -6.81
N ARG A 363 -5.93 -25.67 -7.62
CA ARG A 363 -6.26 -26.99 -8.15
C ARG A 363 -6.32 -28.04 -7.03
N ARG A 364 -5.86 -27.66 -5.84
CA ARG A 364 -5.99 -28.51 -4.66
C ARG A 364 -7.49 -28.65 -4.39
N ALA A 365 -7.91 -29.86 -4.03
CA ALA A 365 -9.31 -30.22 -3.85
C ALA A 365 -10.07 -30.26 -5.19
N ASP A 366 -9.34 -30.11 -6.29
CA ASP A 366 -9.92 -30.28 -7.62
C ASP A 366 -9.55 -31.68 -8.11
N ILE A 367 -9.95 -32.01 -9.33
CA ILE A 367 -9.54 -33.28 -9.91
C ILE A 367 -8.14 -33.15 -10.48
N VAL A 368 -7.97 -32.22 -11.42
CA VAL A 368 -6.69 -31.99 -12.09
C VAL A 368 -5.84 -30.83 -11.52
N ASN A 369 -4.53 -31.04 -11.47
CA ASN A 369 -3.58 -30.01 -11.06
C ASN A 369 -2.63 -29.71 -12.20
N VAL A 370 -2.44 -28.43 -12.53
CA VAL A 370 -1.51 -28.09 -13.59
C VAL A 370 -0.08 -28.05 -13.03
N SER A 371 0.89 -28.46 -13.83
CA SER A 371 2.28 -28.43 -13.41
C SER A 371 2.96 -27.11 -13.71
N SER A 372 4.26 -27.07 -13.42
CA SER A 372 5.09 -25.92 -13.73
C SER A 372 5.54 -26.01 -15.19
N LEU A 373 5.17 -27.08 -15.87
CA LEU A 373 5.45 -27.21 -17.29
C LEU A 373 4.26 -26.70 -18.09
N ARG A 374 4.35 -25.45 -18.54
CA ARG A 374 3.31 -24.88 -19.38
C ARG A 374 4.01 -24.11 -20.50
N ARG A 375 3.85 -24.59 -21.74
CA ARG A 375 4.48 -23.98 -22.90
C ARG A 375 3.48 -23.83 -24.03
N GLY A 376 2.90 -22.64 -24.17
CA GLY A 376 1.91 -22.43 -25.19
C GLY A 376 0.69 -23.20 -24.79
N ALA A 377 0.11 -23.95 -25.73
CA ALA A 377 -1.05 -24.76 -25.42
C ALA A 377 -0.64 -25.99 -24.62
N ALA A 378 0.63 -26.37 -24.70
CA ALA A 378 1.10 -27.59 -24.04
C ALA A 378 1.20 -27.39 -22.54
N GLU A 379 1.01 -28.48 -21.79
CA GLU A 379 1.20 -28.49 -20.35
C GLU A 379 1.09 -29.89 -19.74
N ALA A 380 1.89 -30.15 -18.72
CA ALA A 380 1.84 -31.42 -18.01
C ALA A 380 0.90 -31.21 -16.83
N ILE A 381 0.08 -32.21 -16.52
CA ILE A 381 -0.88 -32.14 -15.43
C ILE A 381 -0.97 -33.41 -14.59
N GLU A 382 -1.56 -33.27 -13.42
CA GLU A 382 -1.83 -34.37 -12.51
C GLU A 382 -3.33 -34.46 -12.21
N ALA A 383 -3.92 -35.65 -12.35
CA ALA A 383 -5.35 -35.80 -12.06
C ALA A 383 -5.56 -36.89 -11.01
N VAL A 384 -6.65 -36.77 -10.26
CA VAL A 384 -6.93 -37.73 -9.19
C VAL A 384 -8.01 -38.72 -9.59
N ALA A 385 -7.75 -40.00 -9.34
CA ALA A 385 -8.72 -41.04 -9.67
C ALA A 385 -9.63 -41.34 -8.49
N HIS A 386 -10.75 -40.61 -8.41
CA HIS A 386 -11.72 -40.80 -7.33
C HIS A 386 -12.77 -41.85 -7.68
N GLY A 387 -13.10 -42.68 -6.70
CA GLY A 387 -14.13 -43.69 -6.85
C GLY A 387 -13.53 -45.05 -7.17
N ASP A 388 -14.39 -46.07 -7.24
CA ASP A 388 -13.93 -47.40 -7.61
C ASP A 388 -14.32 -47.74 -9.06
N GLU A 389 -14.07 -48.98 -9.46
CA GLU A 389 -14.35 -49.42 -10.83
C GLU A 389 -15.81 -49.28 -11.21
N THR A 390 -16.66 -49.30 -10.20
CA THR A 390 -18.08 -49.26 -10.42
C THR A 390 -18.55 -47.87 -10.89
N THR A 391 -17.89 -46.82 -10.41
CA THR A 391 -18.31 -45.46 -10.66
C THR A 391 -17.33 -44.65 -11.54
N SER A 392 -16.10 -45.14 -11.66
CA SER A 392 -15.05 -44.44 -12.40
C SER A 392 -14.78 -45.00 -13.79
N LYS A 393 -14.33 -44.13 -14.70
CA LYS A 393 -14.02 -44.56 -16.07
C LYS A 393 -12.54 -44.83 -16.23
N VAL A 394 -11.80 -44.78 -15.13
CA VAL A 394 -10.35 -44.95 -15.19
C VAL A 394 -9.86 -45.94 -14.14
N VAL A 395 -10.41 -45.85 -12.94
CA VAL A 395 -10.04 -46.78 -11.87
C VAL A 395 -10.35 -48.22 -12.28
N GLY A 396 -9.35 -49.09 -12.14
CA GLY A 396 -9.50 -50.48 -12.49
C GLY A 396 -9.01 -50.78 -13.89
N ARG A 397 -9.25 -49.86 -14.83
CA ARG A 397 -8.84 -50.07 -16.21
C ARG A 397 -7.33 -49.92 -16.33
N ALA A 398 -6.75 -50.54 -17.35
CA ALA A 398 -5.31 -50.41 -17.62
C ALA A 398 -5.00 -49.16 -18.44
N ILE A 399 -3.79 -48.64 -18.25
CA ILE A 399 -3.36 -47.40 -18.90
C ILE A 399 -3.48 -47.45 -20.41
N GLY A 400 -3.16 -48.60 -20.98
CA GLY A 400 -3.29 -48.81 -22.41
C GLY A 400 -4.74 -48.84 -22.87
N ASP A 401 -5.67 -48.92 -21.92
CA ASP A 401 -7.09 -49.00 -22.24
C ASP A 401 -7.92 -47.83 -21.70
N ILE A 402 -7.28 -46.69 -21.49
CA ILE A 402 -7.97 -45.51 -20.98
C ILE A 402 -8.31 -44.57 -22.13
N LYS A 403 -9.58 -44.19 -22.23
CA LYS A 403 -10.01 -43.27 -23.28
C LYS A 403 -9.52 -41.86 -23.00
N LEU A 404 -8.23 -41.62 -23.23
CA LEU A 404 -7.63 -40.32 -23.02
C LEU A 404 -8.01 -39.42 -24.19
N PRO A 405 -8.06 -38.10 -23.95
CA PRO A 405 -8.29 -37.13 -25.02
C PRO A 405 -7.12 -37.13 -26.00
N PRO A 406 -7.30 -36.49 -27.18
CA PRO A 406 -6.20 -36.42 -28.13
C PRO A 406 -4.95 -35.75 -27.56
N GLY A 407 -3.77 -36.20 -27.97
CA GLY A 407 -2.53 -35.56 -27.58
C GLY A 407 -2.07 -35.82 -26.16
N THR A 408 -2.83 -36.64 -25.43
CA THR A 408 -2.58 -36.86 -24.02
C THR A 408 -1.85 -38.17 -23.73
N THR A 409 -0.79 -38.08 -22.94
CA THR A 409 0.03 -39.24 -22.61
C THR A 409 0.25 -39.35 -21.11
N ILE A 410 -0.14 -40.47 -20.53
CA ILE A 410 0.11 -40.75 -19.12
C ILE A 410 1.55 -41.17 -18.93
N GLY A 411 2.27 -40.43 -18.08
CA GLY A 411 3.69 -40.64 -17.93
C GLY A 411 4.07 -41.42 -16.68
N ALA A 412 3.29 -41.23 -15.63
CA ALA A 412 3.55 -41.93 -14.37
C ALA A 412 2.36 -41.87 -13.43
N VAL A 413 2.36 -42.76 -12.45
CA VAL A 413 1.34 -42.76 -11.42
C VAL A 413 1.98 -42.67 -10.04
N VAL A 414 1.39 -41.83 -9.19
CA VAL A 414 1.86 -41.72 -7.82
C VAL A 414 0.81 -42.34 -6.91
N ARG A 415 1.15 -43.48 -6.34
CA ARG A 415 0.24 -44.21 -5.45
C ARG A 415 0.83 -44.16 -4.04
N GLY A 416 0.23 -43.36 -3.16
CA GLY A 416 0.79 -43.23 -1.82
C GLY A 416 2.16 -42.58 -1.91
N GLU A 417 3.20 -43.29 -1.46
CA GLU A 417 4.54 -42.74 -1.50
C GLU A 417 5.42 -43.28 -2.63
N GLU A 418 4.87 -44.19 -3.45
CA GLU A 418 5.62 -44.79 -4.54
C GLU A 418 5.26 -44.19 -5.89
N VAL A 419 6.29 -43.88 -6.68
CA VAL A 419 6.10 -43.30 -8.00
C VAL A 419 6.31 -44.39 -9.04
N LEU A 420 5.25 -44.73 -9.74
CA LEU A 420 5.28 -45.80 -10.73
C LEU A 420 5.43 -45.26 -12.13
N ILE A 421 6.49 -45.68 -12.81
CA ILE A 421 6.69 -45.35 -14.21
C ILE A 421 5.62 -46.01 -15.06
N ALA A 422 4.91 -45.23 -15.86
CA ALA A 422 3.75 -45.73 -16.60
C ALA A 422 4.10 -46.81 -17.63
N HIS A 423 3.33 -47.90 -17.60
CA HIS A 423 3.42 -48.92 -18.64
C HIS A 423 2.00 -49.23 -19.10
N ASP A 424 1.89 -49.82 -20.27
CA ASP A 424 0.58 -50.04 -20.89
C ASP A 424 -0.31 -50.97 -20.06
N ARG A 425 0.30 -51.91 -19.35
CA ARG A 425 -0.45 -52.92 -18.61
C ARG A 425 -0.82 -52.49 -17.18
N THR A 426 -0.23 -51.39 -16.72
CA THR A 426 -0.47 -50.88 -15.37
C THR A 426 -1.95 -50.53 -15.12
N VAL A 427 -2.48 -51.04 -14.01
CA VAL A 427 -3.87 -50.79 -13.65
C VAL A 427 -4.02 -49.62 -12.69
N ILE A 428 -4.87 -48.67 -13.04
CA ILE A 428 -5.13 -47.54 -12.16
C ILE A 428 -5.94 -47.98 -10.96
N GLU A 429 -5.40 -47.72 -9.77
CA GLU A 429 -6.08 -47.98 -8.51
C GLU A 429 -6.74 -46.70 -8.00
N GLN A 430 -7.49 -46.81 -6.90
CA GLN A 430 -8.28 -45.68 -6.41
C GLN A 430 -7.44 -44.61 -5.73
N ASP A 431 -7.87 -43.35 -5.92
CA ASP A 431 -7.23 -42.19 -5.32
C ASP A 431 -5.80 -42.02 -5.80
N ASP A 432 -5.47 -42.68 -6.90
CA ASP A 432 -4.18 -42.51 -7.54
C ASP A 432 -4.03 -41.10 -8.09
N HIS A 433 -2.78 -40.68 -8.24
CA HIS A 433 -2.52 -39.42 -8.92
C HIS A 433 -1.83 -39.72 -10.23
N VAL A 434 -2.57 -39.51 -11.32
CA VAL A 434 -2.09 -39.85 -12.65
C VAL A 434 -1.48 -38.63 -13.30
N VAL A 435 -0.23 -38.77 -13.72
CA VAL A 435 0.48 -37.67 -14.35
C VAL A 435 0.46 -37.80 -15.86
N MET A 436 -0.10 -36.79 -16.51
CA MET A 436 -0.25 -36.79 -17.96
C MET A 436 0.40 -35.55 -18.56
N PHE A 437 0.71 -35.63 -19.85
CA PHE A 437 1.17 -34.48 -20.60
C PHE A 437 0.23 -34.30 -21.77
N LEU A 438 -0.26 -33.07 -21.93
CA LEU A 438 -1.16 -32.76 -23.03
C LEU A 438 -0.44 -31.87 -24.02
N VAL A 439 -0.64 -32.15 -25.29
CA VAL A 439 -0.07 -31.34 -26.35
C VAL A 439 -0.89 -30.05 -26.45
N ASP A 440 -2.18 -30.16 -26.16
CA ASP A 440 -3.06 -29.00 -26.19
C ASP A 440 -3.89 -28.96 -24.90
N LYS A 441 -3.81 -27.84 -24.19
CA LYS A 441 -4.47 -27.67 -22.89
C LYS A 441 -5.98 -27.53 -23.01
N LYS A 442 -6.47 -27.48 -24.23
CA LYS A 442 -7.91 -27.36 -24.46
C LYS A 442 -8.63 -28.65 -24.11
N TYR A 443 -7.88 -29.75 -23.96
CA TYR A 443 -8.49 -31.03 -23.63
C TYR A 443 -8.46 -31.35 -22.14
N VAL A 444 -8.04 -30.39 -21.33
CA VAL A 444 -8.07 -30.55 -19.88
C VAL A 444 -9.46 -30.88 -19.34
N PRO A 445 -10.50 -30.12 -19.74
CA PRO A 445 -11.81 -30.47 -19.21
C PRO A 445 -12.28 -31.86 -19.66
N ASP A 446 -11.71 -32.37 -20.75
CA ASP A 446 -11.97 -33.75 -21.16
C ASP A 446 -11.29 -34.73 -20.19
N VAL A 447 -10.06 -34.42 -19.80
CA VAL A 447 -9.37 -35.23 -18.80
C VAL A 447 -10.13 -35.18 -17.49
N GLU A 448 -10.68 -34.01 -17.19
CA GLU A 448 -11.49 -33.82 -16.01
C GLU A 448 -12.72 -34.74 -16.04
N ALA A 449 -13.40 -34.77 -17.19
CA ALA A 449 -14.57 -35.62 -17.38
C ALA A 449 -14.24 -37.09 -17.22
N LEU A 450 -13.11 -37.48 -17.83
CA LEU A 450 -12.63 -38.86 -17.80
C LEU A 450 -12.38 -39.35 -16.37
N PHE A 451 -11.80 -38.50 -15.53
CA PHE A 451 -11.44 -38.87 -14.16
C PHE A 451 -12.57 -38.64 -13.16
N GLN A 452 -13.62 -37.97 -13.61
CA GLN A 452 -14.78 -37.73 -12.77
C GLN A 452 -15.69 -38.95 -12.78
N PRO A 453 -15.87 -39.57 -11.60
CA PRO A 453 -16.74 -40.74 -11.47
C PRO A 453 -18.22 -40.38 -11.54
N SER A 454 -19.07 -41.40 -11.61
CA SER A 454 -20.52 -41.18 -11.59
C SER A 454 -20.94 -40.80 -10.19
N PRO A 455 -22.05 -40.06 -10.06
CA PRO A 455 -22.55 -39.67 -8.74
C PRO A 455 -22.81 -40.88 -7.84
N PHE A 456 -22.07 -40.98 -6.74
CA PHE A 456 -22.15 -42.09 -5.80
C PHE A 456 -23.55 -42.21 -5.20
N MET B 1 10.07 11.97 25.26
CA MET B 1 9.06 11.64 24.25
C MET B 1 9.68 11.28 22.90
N LYS B 2 9.67 9.99 22.56
CA LYS B 2 10.27 9.53 21.32
C LYS B 2 9.18 9.31 20.27
N ILE B 3 9.15 10.19 19.27
CA ILE B 3 8.08 10.20 18.27
C ILE B 3 8.57 9.86 16.87
N ILE B 4 7.92 8.89 16.23
CA ILE B 4 8.24 8.52 14.85
C ILE B 4 7.21 9.00 13.85
N ILE B 5 7.67 9.74 12.83
CA ILE B 5 6.78 10.20 11.77
C ILE B 5 7.12 9.50 10.45
N LEU B 6 6.17 8.77 9.91
CA LEU B 6 6.35 8.05 8.66
C LEU B 6 5.89 8.91 7.49
N GLY B 7 6.79 9.24 6.59
CA GLY B 7 6.45 10.09 5.46
C GLY B 7 6.69 11.56 5.76
N ALA B 8 7.63 12.16 5.03
CA ALA B 8 8.02 13.54 5.26
C ALA B 8 7.43 14.49 4.24
N GLY B 9 6.14 14.33 3.94
CA GLY B 9 5.45 15.24 3.04
C GLY B 9 5.06 16.52 3.72
N GLN B 10 4.10 17.26 3.14
CA GLN B 10 3.63 18.49 3.72
C GLN B 10 3.23 18.28 5.17
N VAL B 11 2.41 17.25 5.40
CA VAL B 11 1.88 16.99 6.73
C VAL B 11 2.94 16.45 7.70
N GLY B 12 3.64 15.41 7.29
CA GLY B 12 4.68 14.83 8.11
C GLY B 12 5.76 15.85 8.42
N GLY B 13 6.17 16.60 7.41
CA GLY B 13 7.20 17.62 7.57
C GLY B 13 6.80 18.75 8.50
N THR B 14 5.61 19.31 8.28
CA THR B 14 5.08 20.38 9.11
C THR B 14 4.99 19.94 10.55
N LEU B 15 4.50 18.71 10.75
CA LEU B 15 4.37 18.15 12.07
C LEU B 15 5.70 18.12 12.78
N ALA B 16 6.69 17.51 12.15
CA ALA B 16 8.02 17.43 12.74
C ALA B 16 8.50 18.84 13.08
N GLU B 17 8.27 19.74 12.14
CA GLU B 17 8.66 21.14 12.30
C GLU B 17 7.97 21.76 13.52
N ASN B 18 6.72 21.38 13.77
CA ASN B 18 5.98 21.83 14.95
C ASN B 18 6.40 21.21 16.28
N LEU B 19 7.08 20.07 16.25
CA LEU B 19 7.44 19.35 17.47
C LEU B 19 8.94 19.25 17.73
N VAL B 20 9.77 19.62 16.76
CA VAL B 20 11.21 19.56 16.99
C VAL B 20 11.54 20.55 18.09
N GLY B 21 12.31 20.09 19.06
CA GLY B 21 12.58 20.89 20.23
C GLY B 21 13.40 20.15 21.26
N GLU B 22 13.17 20.55 22.51
CA GLU B 22 14.01 20.15 23.63
C GLU B 22 13.70 18.76 24.18
N ASN B 23 12.44 18.52 24.50
CA ASN B 23 12.02 17.28 25.14
C ASN B 23 11.53 16.23 24.15
N ASN B 24 11.76 16.47 22.87
CA ASN B 24 11.20 15.60 21.85
C ASN B 24 12.23 15.03 20.89
N ASP B 25 12.26 13.70 20.76
CA ASP B 25 13.16 13.03 19.83
C ASP B 25 12.39 12.59 18.57
N ILE B 26 12.48 13.43 17.55
CA ILE B 26 11.75 13.22 16.31
C ILE B 26 12.56 12.38 15.35
N THR B 27 12.02 11.24 14.96
CA THR B 27 12.63 10.47 13.90
C THR B 27 11.66 10.43 12.74
N ILE B 28 12.14 10.79 11.56
CA ILE B 28 11.29 10.75 10.38
C ILE B 28 11.76 9.72 9.39
N VAL B 29 10.83 8.87 8.97
CA VAL B 29 11.11 7.85 8.00
C VAL B 29 10.54 8.29 6.66
N ASP B 30 11.29 8.08 5.59
CA ASP B 30 10.81 8.46 4.28
C ASP B 30 11.55 7.71 3.18
N ASN B 31 10.86 7.55 2.06
CA ASN B 31 11.37 6.78 0.95
C ASN B 31 12.25 7.66 0.07
N ASN B 32 12.09 8.98 0.21
CA ASN B 32 12.80 9.95 -0.59
C ASN B 32 14.00 10.59 0.12
N ALA B 33 15.21 10.29 -0.36
CA ALA B 33 16.42 10.83 0.26
C ALA B 33 16.42 12.36 0.30
N ASP B 34 15.87 12.99 -0.72
CA ASP B 34 15.87 14.44 -0.79
C ASP B 34 14.97 15.13 0.24
N ARG B 35 13.78 14.61 0.49
CA ARG B 35 12.89 15.23 1.47
C ARG B 35 13.48 15.13 2.88
N LEU B 36 14.19 14.04 3.15
CA LEU B 36 14.80 13.82 4.45
C LEU B 36 15.90 14.84 4.69
N ARG B 37 16.78 14.99 3.70
CA ARG B 37 17.89 15.94 3.75
C ARG B 37 17.42 17.35 4.07
N GLU B 38 16.43 17.85 3.33
CA GLU B 38 15.91 19.20 3.56
C GLU B 38 15.50 19.34 5.00
N LEU B 39 14.87 18.29 5.52
CA LEU B 39 14.34 18.31 6.87
C LEU B 39 15.48 18.28 7.89
N GLN B 40 16.51 17.49 7.63
CA GLN B 40 17.67 17.45 8.51
C GLN B 40 18.47 18.76 8.47
N ASP B 41 18.52 19.39 7.30
CA ASP B 41 19.21 20.67 7.12
C ASP B 41 18.60 21.73 8.02
N LYS B 42 17.27 21.71 8.11
CA LYS B 42 16.50 22.70 8.85
C LYS B 42 16.41 22.39 10.33
N TYR B 43 16.30 21.11 10.68
CA TYR B 43 16.02 20.73 12.06
C TYR B 43 16.95 19.64 12.54
N ASP B 44 17.16 19.59 13.85
CA ASP B 44 17.98 18.53 14.43
C ASP B 44 17.11 17.35 14.84
N LEU B 45 17.00 16.40 13.93
CA LEU B 45 16.20 15.22 14.16
C LEU B 45 16.86 14.06 13.45
N ARG B 46 16.36 12.85 13.65
CA ARG B 46 16.93 11.69 12.99
C ARG B 46 16.11 11.33 11.76
N VAL B 47 16.80 10.97 10.67
CA VAL B 47 16.11 10.60 9.43
C VAL B 47 16.47 9.20 8.95
N VAL B 48 15.46 8.43 8.58
CA VAL B 48 15.68 7.06 8.11
C VAL B 48 15.10 6.82 6.72
N ASN B 49 15.96 6.37 5.82
CA ASN B 49 15.58 6.11 4.44
C ASN B 49 15.16 4.66 4.22
N GLY B 50 13.87 4.44 3.98
CA GLY B 50 13.35 3.12 3.71
C GLY B 50 11.85 3.18 3.57
N HIS B 51 11.23 2.02 3.34
CA HIS B 51 9.79 1.90 3.20
C HIS B 51 9.19 1.90 4.60
N ALA B 52 8.24 2.79 4.84
CA ALA B 52 7.71 3.05 6.19
C ALA B 52 7.12 1.84 6.90
N SER B 53 6.81 0.79 6.15
CA SER B 53 6.15 -0.38 6.74
C SER B 53 7.02 -1.62 6.76
N HIS B 54 8.27 -1.49 6.32
CA HIS B 54 9.18 -2.61 6.38
C HIS B 54 9.69 -2.82 7.80
N PRO B 55 9.69 -4.08 8.25
CA PRO B 55 10.08 -4.45 9.61
C PRO B 55 11.43 -3.88 10.04
N ASP B 56 12.43 -3.89 9.16
CA ASP B 56 13.75 -3.38 9.53
C ASP B 56 13.78 -1.85 9.60
N VAL B 57 13.12 -1.20 8.65
CA VAL B 57 13.01 0.25 8.65
C VAL B 57 12.32 0.76 9.92
N LEU B 58 11.25 0.08 10.32
CA LEU B 58 10.55 0.44 11.55
C LEU B 58 11.43 0.21 12.77
N HIS B 59 12.15 -0.90 12.77
CA HIS B 59 13.05 -1.21 13.87
C HIS B 59 14.24 -0.24 13.93
N GLU B 60 14.80 0.07 12.77
CA GLU B 60 15.95 0.96 12.67
C GLU B 60 15.57 2.38 13.09
N ALA B 61 14.28 2.71 13.03
CA ALA B 61 13.81 4.01 13.51
C ALA B 61 13.45 3.90 14.98
N GLY B 62 13.67 2.71 15.54
CA GLY B 62 13.48 2.49 16.96
C GLY B 62 12.02 2.42 17.37
N ALA B 63 11.26 1.56 16.71
CA ALA B 63 9.85 1.41 17.02
C ALA B 63 9.65 0.65 18.33
N GLN B 64 10.66 -0.10 18.76
CA GLN B 64 10.56 -0.84 20.01
C GLN B 64 10.41 0.12 21.17
N ASP B 65 11.20 1.18 21.15
CA ASP B 65 11.29 2.12 22.26
C ASP B 65 10.39 3.34 22.10
N ALA B 66 9.97 3.63 20.88
CA ALA B 66 9.21 4.84 20.58
C ALA B 66 7.90 4.95 21.35
N ASP B 67 7.38 6.16 21.47
CA ASP B 67 6.19 6.43 22.28
C ASP B 67 4.98 6.79 21.43
N MET B 68 5.20 7.19 20.18
CA MET B 68 4.09 7.50 19.28
C MET B 68 4.51 7.23 17.86
N LEU B 69 3.60 6.68 17.05
CA LEU B 69 3.89 6.42 15.66
C LEU B 69 2.86 7.15 14.83
N VAL B 70 3.33 8.02 13.94
CA VAL B 70 2.43 8.75 13.05
C VAL B 70 2.65 8.35 11.60
N ALA B 71 1.61 7.80 11.00
CA ALA B 71 1.70 7.34 9.62
C ALA B 71 1.02 8.33 8.69
N VAL B 72 1.83 9.08 7.95
CA VAL B 72 1.35 10.02 6.96
C VAL B 72 2.09 9.84 5.63
N THR B 73 2.05 8.62 5.11
CA THR B 73 2.67 8.30 3.81
C THR B 73 1.68 8.63 2.66
N ASN B 74 1.97 8.13 1.46
CA ASN B 74 1.15 8.38 0.30
C ASN B 74 -0.17 7.62 0.20
N THR B 75 -0.24 6.44 0.81
CA THR B 75 -1.39 5.55 0.62
C THR B 75 -1.84 5.00 1.98
N ASP B 76 -3.14 4.80 2.13
CA ASP B 76 -3.68 4.27 3.38
C ASP B 76 -3.08 2.89 3.65
N GLU B 77 -2.93 2.11 2.60
CA GLU B 77 -2.50 0.72 2.73
C GLU B 77 -1.10 0.58 3.30
N THR B 78 -0.27 1.60 3.11
CA THR B 78 1.06 1.62 3.71
C THR B 78 1.00 2.09 5.16
N ASN B 79 0.19 3.11 5.43
CA ASN B 79 -0.04 3.56 6.80
C ASN B 79 -0.56 2.43 7.68
N MET B 80 -1.51 1.66 7.15
CA MET B 80 -2.12 0.55 7.85
C MET B 80 -1.10 -0.55 8.10
N ALA B 81 -0.32 -0.89 7.08
CA ALA B 81 0.65 -1.97 7.19
C ALA B 81 1.71 -1.59 8.20
N ALA B 82 2.03 -0.31 8.23
CA ALA B 82 3.05 0.23 9.10
C ALA B 82 2.57 0.12 10.55
N CYS B 83 1.33 0.54 10.79
CA CYS B 83 0.77 0.45 12.13
C CYS B 83 0.69 -1.01 12.54
N GLN B 84 0.35 -1.85 11.58
CA GLN B 84 0.26 -3.28 11.81
C GLN B 84 1.62 -3.84 12.20
N VAL B 85 2.61 -3.61 11.35
CA VAL B 85 3.93 -4.17 11.55
C VAL B 85 4.54 -3.64 12.86
N ALA B 86 4.34 -2.38 13.14
CA ALA B 86 4.90 -1.78 14.34
C ALA B 86 4.30 -2.41 15.60
N PHE B 87 2.99 -2.57 15.61
CA PHE B 87 2.34 -3.17 16.76
C PHE B 87 2.71 -4.64 16.95
N THR B 88 2.60 -5.41 15.86
CA THR B 88 2.87 -6.84 15.89
C THR B 88 4.32 -7.18 16.26
N LEU B 89 5.26 -6.38 15.79
CA LEU B 89 6.67 -6.69 15.99
C LEU B 89 7.32 -5.98 17.17
N PHE B 90 6.78 -4.83 17.57
CA PHE B 90 7.45 -3.98 18.55
C PHE B 90 6.55 -3.40 19.62
N ASN B 91 5.26 -3.70 19.55
CA ASN B 91 4.29 -3.19 20.52
C ASN B 91 4.31 -1.67 20.64
N THR B 92 4.47 -1.01 19.50
CA THR B 92 4.55 0.44 19.47
C THR B 92 3.23 1.09 19.90
N PRO B 93 3.27 1.85 21.01
CA PRO B 93 2.10 2.55 21.56
C PRO B 93 1.59 3.69 20.68
N ASN B 94 0.38 4.15 20.98
CA ASN B 94 -0.26 5.30 20.33
C ASN B 94 0.01 5.42 18.84
N ARG B 95 -0.65 4.59 18.05
CA ARG B 95 -0.40 4.57 16.61
C ARG B 95 -1.46 5.33 15.84
N VAL B 96 -1.05 6.52 15.37
CA VAL B 96 -1.92 7.42 14.63
C VAL B 96 -1.69 7.22 13.14
N ALA B 97 -2.78 7.17 12.38
CA ALA B 97 -2.68 6.96 10.94
C ALA B 97 -3.64 7.84 10.17
N ARG B 98 -3.16 8.37 9.05
CA ARG B 98 -4.02 9.09 8.13
C ARG B 98 -4.69 8.11 7.19
N ILE B 99 -6.02 8.17 7.16
CA ILE B 99 -6.81 7.34 6.27
C ILE B 99 -7.71 8.24 5.46
N ARG B 100 -7.48 8.30 4.15
CA ARG B 100 -8.20 9.21 3.28
C ARG B 100 -9.42 8.59 2.63
N SER B 101 -9.49 7.26 2.62
CA SER B 101 -10.55 6.57 1.91
C SER B 101 -11.83 6.43 2.71
N PRO B 102 -12.91 7.04 2.23
CA PRO B 102 -14.20 6.97 2.93
C PRO B 102 -14.69 5.54 3.05
N GLU B 103 -14.31 4.71 2.08
CA GLU B 103 -14.61 3.29 2.07
C GLU B 103 -14.08 2.57 3.32
N TYR B 104 -12.85 2.88 3.71
CA TYR B 104 -12.24 2.30 4.91
C TYR B 104 -12.90 2.86 6.15
N LEU B 105 -13.22 4.15 6.11
CA LEU B 105 -13.81 4.83 7.24
C LEU B 105 -15.24 4.37 7.50
N ALA B 106 -15.93 3.98 6.44
CA ALA B 106 -17.28 3.45 6.55
C ALA B 106 -17.31 2.20 7.43
N GLU B 107 -16.21 1.48 7.47
CA GLU B 107 -16.10 0.28 8.30
C GLU B 107 -15.12 0.52 9.45
N LYS B 108 -15.06 1.77 9.91
CA LYS B 108 -14.17 2.17 10.98
C LYS B 108 -14.36 1.34 12.25
N GLU B 109 -15.60 1.02 12.56
CA GLU B 109 -15.92 0.24 13.74
C GLU B 109 -15.33 -1.16 13.66
N ALA B 110 -15.55 -1.82 12.54
CA ALA B 110 -15.16 -3.21 12.37
C ALA B 110 -13.67 -3.40 12.05
N LEU B 111 -13.03 -2.40 11.45
CA LEU B 111 -11.67 -2.54 10.96
C LEU B 111 -10.60 -2.07 11.93
N PHE B 112 -10.80 -0.90 12.53
CA PHE B 112 -9.78 -0.27 13.36
C PHE B 112 -10.09 -0.33 14.87
N LYS B 113 -11.31 0.04 15.24
CA LYS B 113 -11.72 0.14 16.65
C LYS B 113 -11.76 -1.21 17.37
N SER B 114 -11.48 -2.28 16.64
CA SER B 114 -11.44 -3.62 17.20
C SER B 114 -10.01 -4.16 17.31
N GLY B 115 -9.07 -3.45 16.70
CA GLY B 115 -7.66 -3.83 16.79
C GLY B 115 -7.27 -4.90 15.80
N ALA B 116 -8.13 -5.13 14.81
CA ALA B 116 -7.83 -5.99 13.67
C ALA B 116 -6.70 -5.37 12.85
N ILE B 117 -6.94 -4.14 12.41
CA ILE B 117 -5.89 -3.26 11.92
C ILE B 117 -5.58 -2.31 13.08
N PRO B 118 -4.39 -2.44 13.68
CA PRO B 118 -4.09 -1.75 14.94
C PRO B 118 -3.80 -0.25 14.77
N VAL B 119 -4.79 0.51 14.33
CA VAL B 119 -4.66 1.96 14.33
C VAL B 119 -5.38 2.47 15.56
N ASP B 120 -4.68 3.22 16.40
CA ASP B 120 -5.30 3.76 17.59
C ASP B 120 -6.10 5.00 17.26
N HIS B 121 -5.59 5.83 16.35
CA HIS B 121 -6.29 7.05 16.00
C HIS B 121 -6.29 7.33 14.51
N LEU B 122 -7.49 7.44 13.95
CA LEU B 122 -7.64 7.75 12.54
C LEU B 122 -7.70 9.25 12.31
N ILE B 123 -6.89 9.73 11.38
CA ILE B 123 -7.01 11.11 10.95
C ILE B 123 -7.55 11.08 9.53
N ALA B 124 -8.81 11.46 9.37
CA ALA B 124 -9.46 11.43 8.09
C ALA B 124 -9.70 12.86 7.60
N PRO B 125 -8.77 13.40 6.81
CA PRO B 125 -8.84 14.81 6.45
C PRO B 125 -10.15 15.26 5.79
N GLU B 126 -10.74 14.43 4.93
CA GLU B 126 -11.95 14.85 4.22
C GLU B 126 -13.07 15.14 5.19
N GLU B 127 -13.17 14.33 6.24
CA GLU B 127 -14.23 14.48 7.25
C GLU B 127 -14.02 15.71 8.12
N LEU B 128 -12.78 15.91 8.56
CA LEU B 128 -12.37 17.05 9.38
C LEU B 128 -12.68 18.35 8.67
N VAL B 129 -12.39 18.39 7.39
CA VAL B 129 -12.67 19.55 6.55
C VAL B 129 -14.15 19.81 6.49
N THR B 130 -14.91 18.74 6.26
CA THR B 130 -16.37 18.82 6.22
C THR B 130 -16.90 19.33 7.53
N SER B 131 -16.37 18.79 8.61
CA SER B 131 -16.75 19.18 9.97
C SER B 131 -16.42 20.63 10.25
N TYR B 132 -15.31 21.11 9.73
CA TYR B 132 -14.89 22.48 10.00
C TYR B 132 -15.89 23.45 9.38
N ILE B 133 -16.22 23.25 8.12
CA ILE B 133 -17.16 24.11 7.40
C ILE B 133 -18.50 24.18 8.14
N GLU B 134 -19.02 23.00 8.45
CA GLU B 134 -20.25 22.87 9.21
C GLU B 134 -20.20 23.67 10.52
N ARG B 135 -19.05 23.64 11.19
CA ARG B 135 -18.89 24.39 12.43
C ARG B 135 -18.91 25.88 12.16
N LEU B 136 -18.39 26.30 11.01
CA LEU B 136 -18.41 27.70 10.64
C LEU B 136 -19.83 28.18 10.36
N ILE B 137 -20.60 27.35 9.65
CA ILE B 137 -21.97 27.66 9.29
C ILE B 137 -22.79 27.84 10.57
N GLN B 138 -22.45 27.07 11.59
CA GLN B 138 -23.18 27.12 12.84
C GLN B 138 -22.98 28.44 13.58
N TYR B 139 -21.85 29.11 13.35
CA TYR B 139 -21.60 30.40 13.99
C TYR B 139 -21.40 31.49 12.94
N PRO B 140 -22.50 31.98 12.36
CA PRO B 140 -22.44 33.00 11.31
C PRO B 140 -21.68 34.25 11.75
N GLY B 141 -20.67 34.63 10.98
CA GLY B 141 -19.83 35.75 11.36
C GLY B 141 -18.43 35.29 11.73
N ALA B 142 -18.29 34.01 11.98
CA ALA B 142 -17.01 33.44 12.36
C ALA B 142 -16.14 33.18 11.13
N LEU B 143 -14.98 33.82 11.08
CA LEU B 143 -14.07 33.66 9.96
C LEU B 143 -13.22 32.43 10.17
N GLN B 144 -13.01 32.09 11.44
CA GLN B 144 -12.17 30.98 11.83
C GLN B 144 -12.47 30.55 13.25
N VAL B 145 -12.55 29.24 13.48
CA VAL B 145 -12.60 28.71 14.84
C VAL B 145 -11.42 27.76 15.04
N VAL B 146 -10.52 28.12 15.95
CA VAL B 146 -9.37 27.24 16.23
C VAL B 146 -9.55 26.62 17.62
N SER B 147 -9.11 25.38 17.78
CA SER B 147 -9.34 24.72 19.06
C SER B 147 -8.04 24.46 19.80
N PHE B 148 -8.14 24.48 21.13
CA PHE B 148 -7.04 24.19 22.04
C PHE B 148 -7.52 23.27 23.14
N ALA B 149 -6.59 22.77 23.96
CA ALA B 149 -6.88 21.78 25.00
C ALA B 149 -7.37 20.50 24.33
N GLU B 150 -8.43 19.90 24.85
CA GLU B 150 -9.05 18.82 24.12
C GLU B 150 -10.25 19.42 23.41
N GLN B 151 -10.01 20.49 22.67
CA GLN B 151 -11.04 21.22 21.96
C GLN B 151 -11.98 21.94 22.95
N LYS B 152 -11.63 21.89 24.24
CA LYS B 152 -12.45 22.50 25.28
C LYS B 152 -12.45 24.02 25.20
N VAL B 153 -11.42 24.58 24.57
CA VAL B 153 -11.25 26.02 24.45
C VAL B 153 -11.25 26.35 22.97
N SER B 154 -11.74 27.52 22.60
CA SER B 154 -11.72 27.90 21.20
C SER B 154 -11.35 29.36 21.05
N LEU B 155 -10.88 29.71 19.86
CA LEU B 155 -10.73 31.10 19.52
C LEU B 155 -11.74 31.35 18.44
N VAL B 156 -12.32 32.53 18.43
CA VAL B 156 -13.24 32.88 17.37
C VAL B 156 -12.66 34.09 16.72
N ALA B 157 -12.36 33.97 15.43
CA ALA B 157 -11.82 35.10 14.69
C ALA B 157 -12.94 35.84 13.99
N VAL B 158 -12.93 37.16 14.11
CA VAL B 158 -13.87 38.00 13.39
C VAL B 158 -13.14 39.20 12.81
N LYS B 159 -13.69 39.77 11.75
CA LYS B 159 -13.07 40.92 11.13
C LYS B 159 -13.84 42.16 11.57
N ALA B 160 -13.12 43.12 12.14
CA ALA B 160 -13.72 44.37 12.61
C ALA B 160 -14.01 45.28 11.43
N TYR B 161 -15.10 46.05 11.50
CA TYR B 161 -15.49 46.91 10.40
C TYR B 161 -15.93 48.30 10.87
N TYR B 162 -15.88 49.26 9.94
CA TYR B 162 -16.26 50.64 10.21
C TYR B 162 -17.72 50.65 10.69
N GLY B 163 -18.00 51.48 11.70
CA GLY B 163 -19.33 51.52 12.27
C GLY B 163 -19.70 50.18 12.86
N GLY B 164 -18.74 49.57 13.54
CA GLY B 164 -18.93 48.28 14.16
C GLY B 164 -18.68 48.31 15.66
N PRO B 165 -19.09 47.24 16.36
CA PRO B 165 -19.01 47.12 17.82
C PRO B 165 -17.58 47.16 18.34
N LEU B 166 -16.65 46.50 17.64
CA LEU B 166 -15.26 46.45 18.07
C LEU B 166 -14.48 47.73 17.80
N VAL B 167 -14.57 48.25 16.58
CA VAL B 167 -13.76 49.38 16.15
C VAL B 167 -13.90 50.60 17.07
N GLY B 168 -12.76 51.21 17.41
CA GLY B 168 -12.74 52.41 18.22
C GLY B 168 -12.55 52.16 19.71
N ASN B 169 -13.01 51.00 20.18
CA ASN B 169 -12.91 50.65 21.60
C ASN B 169 -11.54 50.08 21.97
N ALA B 170 -10.98 50.57 23.07
CA ALA B 170 -9.77 49.96 23.61
C ALA B 170 -10.16 48.61 24.19
N LEU B 171 -9.20 47.72 24.33
CA LEU B 171 -9.49 46.36 24.80
C LEU B 171 -10.01 46.31 26.23
N SER B 172 -9.44 47.13 27.09
CA SER B 172 -9.89 47.18 28.48
C SER B 172 -11.30 47.75 28.55
N ALA B 173 -11.65 48.57 27.57
CA ALA B 173 -12.97 49.19 27.51
C ALA B 173 -14.04 48.18 27.10
N LEU B 174 -13.62 47.09 26.48
CA LEU B 174 -14.54 46.03 26.10
C LEU B 174 -14.82 45.09 27.27
N ARG B 175 -13.85 44.94 28.16
CA ARG B 175 -14.01 44.06 29.32
C ARG B 175 -15.00 44.67 30.30
N GLU B 176 -15.16 45.99 30.20
CA GLU B 176 -16.05 46.73 31.09
C GLU B 176 -17.45 46.89 30.52
N HIS B 177 -17.61 46.61 29.22
CA HIS B 177 -18.91 46.77 28.57
C HIS B 177 -19.57 45.42 28.25
N MET B 178 -19.05 44.35 28.84
CA MET B 178 -19.63 43.03 28.65
C MET B 178 -20.09 42.50 30.01
N PRO B 179 -21.42 42.38 30.20
CA PRO B 179 -22.09 42.16 31.48
C PRO B 179 -22.03 40.75 32.10
N HIS B 180 -22.55 39.74 31.43
CA HIS B 180 -22.56 38.39 31.98
C HIS B 180 -21.78 37.40 31.14
N ILE B 181 -20.80 37.89 30.40
CA ILE B 181 -20.00 37.07 29.51
C ILE B 181 -18.52 37.36 29.71
N ASP B 182 -17.68 36.33 29.71
CA ASP B 182 -16.27 36.55 29.93
C ASP B 182 -15.47 36.07 28.72
N THR B 183 -14.73 37.00 28.12
CA THR B 183 -13.87 36.73 26.98
C THR B 183 -12.59 37.55 27.05
N ARG B 184 -11.65 37.23 26.17
CA ARG B 184 -10.37 37.92 26.12
C ARG B 184 -9.85 37.92 24.69
N VAL B 185 -9.27 39.03 24.24
CA VAL B 185 -8.69 39.05 22.91
C VAL B 185 -7.37 38.31 22.96
N ALA B 186 -7.23 37.30 22.10
CA ALA B 186 -6.06 36.43 22.11
C ALA B 186 -4.99 36.89 21.13
N ALA B 187 -5.42 37.48 20.02
CA ALA B 187 -4.51 37.96 19.00
C ALA B 187 -5.21 38.91 18.04
N ILE B 188 -4.46 39.82 17.43
CA ILE B 188 -4.97 40.70 16.39
C ILE B 188 -3.98 40.78 15.23
N PHE B 189 -4.50 40.98 14.02
CA PHE B 189 -3.64 41.22 12.86
C PHE B 189 -4.18 42.39 12.06
N ARG B 190 -3.55 43.55 12.21
CA ARG B 190 -3.89 44.75 11.44
C ARG B 190 -2.76 45.13 10.51
N GLN B 191 -3.07 45.79 9.40
CA GLN B 191 -2.09 46.13 8.37
C GLN B 191 -1.49 44.83 7.83
N GLY B 192 -0.20 44.63 8.09
CA GLY B 192 0.47 43.40 7.71
C GLY B 192 1.27 42.84 8.87
N ARG B 193 1.15 43.49 10.03
CA ARG B 193 1.86 43.06 11.23
C ARG B 193 0.93 42.69 12.39
N PRO B 194 1.31 41.66 13.17
CA PRO B 194 0.56 41.20 14.34
C PRO B 194 0.76 42.14 15.53
N ILE B 195 -0.30 42.40 16.28
CA ILE B 195 -0.20 43.24 17.47
C ILE B 195 -0.49 42.45 18.75
N ARG B 196 0.38 42.61 19.75
CA ARG B 196 0.14 42.00 21.06
C ARG B 196 -1.00 42.75 21.74
N PRO B 197 -2.09 42.04 22.05
CA PRO B 197 -3.31 42.62 22.63
C PRO B 197 -3.08 43.14 24.04
N GLN B 198 -3.13 44.45 24.21
CA GLN B 198 -3.01 45.05 25.53
C GLN B 198 -4.27 45.81 25.88
N GLY B 199 -4.38 46.24 27.13
CA GLY B 199 -5.53 47.00 27.58
C GLY B 199 -5.76 48.24 26.73
N THR B 200 -4.68 48.88 26.33
CA THR B 200 -4.78 50.14 25.58
C THR B 200 -4.62 49.93 24.09
N THR B 201 -5.15 48.82 23.59
CA THR B 201 -5.11 48.56 22.16
C THR B 201 -6.46 48.89 21.54
N ILE B 202 -6.56 50.02 20.85
CA ILE B 202 -7.80 50.39 20.18
C ILE B 202 -7.98 49.60 18.88
N ILE B 203 -9.12 48.94 18.76
CA ILE B 203 -9.44 48.14 17.58
C ILE B 203 -9.72 49.02 16.38
N GLU B 204 -8.90 48.85 15.34
CA GLU B 204 -9.08 49.59 14.10
C GLU B 204 -9.83 48.74 13.08
N ALA B 205 -10.31 49.36 12.01
CA ALA B 205 -11.10 48.65 11.01
C ALA B 205 -10.31 47.55 10.30
N ASP B 206 -11.03 46.51 9.86
CA ASP B 206 -10.46 45.40 9.10
C ASP B 206 -9.42 44.56 9.85
N ASP B 207 -9.35 44.75 11.17
CA ASP B 207 -8.51 43.91 12.00
C ASP B 207 -9.17 42.55 12.14
N GLU B 208 -8.36 41.50 12.22
CA GLU B 208 -8.88 40.19 12.57
C GLU B 208 -8.61 39.92 14.04
N VAL B 209 -9.68 39.95 14.82
CA VAL B 209 -9.57 39.86 16.26
C VAL B 209 -9.96 38.46 16.74
N PHE B 210 -9.07 37.82 17.47
CA PHE B 210 -9.31 36.47 17.99
C PHE B 210 -9.75 36.50 19.46
N PHE B 211 -10.95 36.00 19.74
CA PHE B 211 -11.46 35.94 21.12
C PHE B 211 -11.37 34.57 21.74
N VAL B 212 -11.00 34.52 23.02
CA VAL B 212 -10.98 33.26 23.74
C VAL B 212 -12.37 32.98 24.29
N ALA B 213 -12.85 31.76 24.06
CA ALA B 213 -14.16 31.36 24.53
C ALA B 213 -14.13 29.87 24.84
N ALA B 214 -14.94 29.45 25.80
CA ALA B 214 -15.13 28.03 26.04
C ALA B 214 -15.89 27.49 24.84
N SER B 215 -15.54 26.30 24.40
CA SER B 215 -16.13 25.74 23.19
C SER B 215 -17.64 25.56 23.28
N ASN B 216 -18.16 25.42 24.50
CA ASN B 216 -19.59 25.22 24.70
C ASN B 216 -20.32 26.54 24.89
N HIS B 217 -19.61 27.65 24.73
CA HIS B 217 -20.22 28.97 24.87
C HIS B 217 -19.73 29.95 23.80
N ILE B 218 -19.37 29.44 22.63
CA ILE B 218 -18.95 30.27 21.52
C ILE B 218 -20.09 31.19 21.08
N ARG B 219 -21.28 30.62 20.91
CA ARG B 219 -22.45 31.36 20.44
C ARG B 219 -22.82 32.48 21.40
N SER B 220 -22.67 32.23 22.69
CA SER B 220 -23.02 33.21 23.71
C SER B 220 -22.05 34.39 23.67
N VAL B 221 -20.79 34.09 23.40
CA VAL B 221 -19.77 35.13 23.30
C VAL B 221 -20.00 36.02 22.08
N MET B 222 -20.15 35.39 20.92
CA MET B 222 -20.37 36.11 19.67
C MET B 222 -21.63 36.96 19.72
N SER B 223 -22.64 36.45 20.41
CA SER B 223 -23.91 37.16 20.54
C SER B 223 -23.73 38.46 21.28
N GLU B 224 -23.06 38.39 22.42
CA GLU B 224 -22.94 39.52 23.33
C GLU B 224 -21.78 40.43 22.98
N LEU B 225 -21.24 40.23 21.79
CA LEU B 225 -20.24 41.11 21.24
C LEU B 225 -20.85 41.78 20.02
N GLN B 226 -22.15 41.58 19.85
CA GLN B 226 -22.89 42.08 18.69
C GLN B 226 -22.24 41.61 17.41
N ARG B 227 -21.66 40.41 17.43
CA ARG B 227 -20.91 39.92 16.28
C ARG B 227 -21.44 38.59 15.73
N LEU B 228 -22.46 38.05 16.39
CA LEU B 228 -23.18 36.89 15.90
C LEU B 228 -24.24 37.34 14.90
N GLU B 229 -24.00 37.08 13.61
CA GLU B 229 -24.94 37.48 12.56
C GLU B 229 -26.11 36.51 12.54
N LYS B 230 -27.19 36.89 11.85
CA LYS B 230 -28.36 36.04 11.75
C LYS B 230 -28.07 34.77 10.93
N PRO B 231 -28.74 33.66 11.26
CA PRO B 231 -28.54 32.37 10.61
C PRO B 231 -28.56 32.40 9.09
N TYR B 232 -27.64 31.67 8.48
CA TYR B 232 -27.57 31.48 7.03
C TYR B 232 -28.77 30.64 6.57
N ARG B 233 -29.49 31.11 5.56
CA ARG B 233 -30.59 30.33 4.99
C ARG B 233 -30.15 29.57 3.73
N ARG B 234 -29.53 30.27 2.78
CA ARG B 234 -29.25 29.72 1.45
C ARG B 234 -27.78 29.36 1.22
N ILE B 235 -27.51 28.07 1.05
CA ILE B 235 -26.15 27.58 0.82
C ILE B 235 -26.00 26.95 -0.57
N MET B 236 -24.92 27.31 -1.26
CA MET B 236 -24.62 26.73 -2.57
C MET B 236 -23.25 26.05 -2.61
N ILE B 237 -23.25 24.78 -2.96
CA ILE B 237 -22.02 23.98 -2.97
C ILE B 237 -21.68 23.64 -4.39
N VAL B 238 -20.44 23.90 -4.77
CA VAL B 238 -19.94 23.48 -6.07
C VAL B 238 -19.02 22.29 -5.87
N GLY B 239 -19.27 21.23 -6.64
CA GLY B 239 -18.46 20.03 -6.56
C GLY B 239 -19.06 19.02 -5.63
N GLY B 240 -19.62 17.96 -6.20
CA GLY B 240 -20.27 16.93 -5.41
C GLY B 240 -19.40 15.73 -5.15
N GLY B 241 -18.23 15.96 -4.59
CA GLY B 241 -17.34 14.86 -4.26
C GLY B 241 -17.53 14.39 -2.82
N ASN B 242 -16.53 13.65 -2.31
CA ASN B 242 -16.58 13.15 -0.95
C ASN B 242 -16.97 14.24 0.01
N ILE B 243 -16.25 15.36 -0.04
CA ILE B 243 -16.50 16.49 0.84
C ILE B 243 -17.81 17.21 0.50
N GLY B 244 -18.03 17.47 -0.79
CA GLY B 244 -19.24 18.12 -1.22
C GLY B 244 -20.50 17.34 -0.91
N ALA B 245 -20.51 16.07 -1.30
CA ALA B 245 -21.69 15.24 -1.06
C ALA B 245 -21.94 15.09 0.43
N SER B 246 -20.87 14.93 1.19
CA SER B 246 -20.95 14.78 2.62
C SER B 246 -21.51 16.03 3.30
N LEU B 247 -20.91 17.18 3.01
CA LEU B 247 -21.34 18.44 3.60
C LEU B 247 -22.81 18.72 3.30
N ALA B 248 -23.24 18.35 2.10
CA ALA B 248 -24.63 18.52 1.68
C ALA B 248 -25.59 17.70 2.54
N LYS B 249 -25.23 16.46 2.85
CA LYS B 249 -26.06 15.62 3.72
C LYS B 249 -26.22 16.26 5.09
N ARG B 250 -25.14 16.83 5.59
CA ARG B 250 -25.12 17.44 6.92
C ARG B 250 -25.94 18.70 6.97
N LEU B 251 -26.02 19.42 5.85
CA LEU B 251 -26.73 20.70 5.80
C LEU B 251 -28.17 20.63 5.29
N GLU B 252 -28.45 19.72 4.36
CA GLU B 252 -29.70 19.75 3.61
C GLU B 252 -30.97 19.66 4.43
N GLN B 253 -30.90 19.02 5.59
CA GLN B 253 -32.10 18.81 6.40
C GLN B 253 -32.45 20.03 7.24
N THR B 254 -31.47 20.91 7.47
CA THR B 254 -31.69 22.09 8.29
C THR B 254 -31.45 23.40 7.53
N TYR B 255 -30.79 23.31 6.38
CA TYR B 255 -30.53 24.50 5.55
C TYR B 255 -31.03 24.25 4.12
N SER B 256 -31.19 25.32 3.36
CA SER B 256 -31.61 25.19 1.96
C SER B 256 -30.40 25.13 1.04
N VAL B 257 -30.12 23.95 0.52
CA VAL B 257 -28.89 23.71 -0.21
C VAL B 257 -29.11 23.39 -1.69
N LYS B 258 -28.38 24.10 -2.55
CA LYS B 258 -28.31 23.76 -3.96
C LYS B 258 -26.88 23.33 -4.26
N LEU B 259 -26.70 22.32 -5.11
CA LEU B 259 -25.36 21.86 -5.44
C LEU B 259 -25.13 21.82 -6.96
N ILE B 260 -23.98 22.32 -7.38
CA ILE B 260 -23.64 22.35 -8.79
C ILE B 260 -22.53 21.36 -9.08
N GLU B 261 -22.78 20.47 -10.04
CA GLU B 261 -21.85 19.40 -10.33
C GLU B 261 -21.74 19.18 -11.83
N ARG B 262 -20.53 19.41 -12.39
CA ARG B 262 -20.37 19.34 -13.83
C ARG B 262 -20.29 17.92 -14.37
N ASP B 263 -19.97 16.96 -13.51
CA ASP B 263 -19.98 15.56 -13.92
C ASP B 263 -21.43 15.10 -13.86
N TYR B 264 -22.01 14.91 -15.04
CA TYR B 264 -23.44 14.64 -15.16
C TYR B 264 -23.85 13.29 -14.58
N GLN B 265 -23.06 12.24 -14.79
CA GLN B 265 -23.35 10.94 -14.20
C GLN B 265 -23.22 11.00 -12.68
N ARG B 266 -22.31 11.84 -12.19
CA ARG B 266 -22.17 12.07 -10.76
C ARG B 266 -23.34 12.89 -10.21
N ALA B 267 -23.80 13.86 -10.99
CA ALA B 267 -24.88 14.73 -10.55
C ALA B 267 -26.16 13.92 -10.38
N GLU B 268 -26.38 12.96 -11.27
CA GLU B 268 -27.54 12.10 -11.19
C GLU B 268 -27.47 11.24 -9.93
N LYS B 269 -26.30 10.71 -9.61
CA LYS B 269 -26.15 9.86 -8.43
C LYS B 269 -26.46 10.64 -7.16
N LEU B 270 -25.97 11.88 -7.10
CA LEU B 270 -26.16 12.71 -5.92
C LEU B 270 -27.59 13.18 -5.78
N SER B 271 -28.29 13.28 -6.89
CA SER B 271 -29.66 13.77 -6.87
C SER B 271 -30.51 12.78 -6.06
N GLU B 272 -30.13 11.51 -6.12
CA GLU B 272 -30.82 10.44 -5.40
C GLU B 272 -30.37 10.34 -3.94
N GLN B 273 -29.06 10.46 -3.72
CA GLN B 273 -28.49 10.32 -2.41
C GLN B 273 -28.77 11.53 -1.51
N LEU B 274 -29.13 12.64 -2.14
CA LEU B 274 -29.44 13.85 -1.41
C LEU B 274 -30.94 14.12 -1.44
N GLU B 275 -31.60 13.79 -0.34
CA GLU B 275 -33.05 13.87 -0.24
C GLU B 275 -33.57 15.30 -0.30
N ASN B 276 -32.83 16.24 0.28
CA ASN B 276 -33.28 17.63 0.35
C ASN B 276 -32.36 18.64 -0.34
N THR B 277 -31.57 18.18 -1.30
CA THR B 277 -30.69 19.09 -2.04
C THR B 277 -31.01 19.10 -3.53
N ILE B 278 -31.09 20.30 -4.09
CA ILE B 278 -31.26 20.45 -5.53
C ILE B 278 -29.90 20.38 -6.22
N VAL B 279 -29.75 19.38 -7.08
CA VAL B 279 -28.51 19.17 -7.79
C VAL B 279 -28.63 19.69 -9.22
N PHE B 280 -27.79 20.66 -9.57
CA PHE B 280 -27.78 21.19 -10.94
C PHE B 280 -26.56 20.67 -11.69
N CYS B 281 -26.78 20.30 -12.95
CA CYS B 281 -25.70 19.89 -13.83
C CYS B 281 -25.14 21.10 -14.58
N GLY B 282 -23.91 21.47 -14.28
CA GLY B 282 -23.29 22.61 -14.93
C GLY B 282 -21.91 22.96 -14.39
N ASP B 283 -21.25 23.92 -15.03
CA ASP B 283 -19.93 24.37 -14.59
C ASP B 283 -20.07 25.45 -13.54
N ALA B 284 -19.09 25.52 -12.63
CA ALA B 284 -19.12 26.45 -11.51
C ALA B 284 -18.99 27.91 -11.92
N ALA B 285 -18.38 28.13 -13.08
CA ALA B 285 -18.08 29.48 -13.55
C ALA B 285 -19.12 29.96 -14.55
N ASP B 286 -20.21 29.19 -14.68
CA ASP B 286 -21.26 29.53 -15.63
C ASP B 286 -22.18 30.62 -15.07
N GLN B 287 -22.03 31.85 -15.57
CA GLN B 287 -22.84 32.97 -15.09
C GLN B 287 -24.33 32.76 -15.29
N GLU B 288 -24.71 32.20 -16.44
CA GLU B 288 -26.12 32.04 -16.77
C GLU B 288 -26.77 31.01 -15.85
N LEU B 289 -25.96 30.11 -15.31
CA LEU B 289 -26.43 29.13 -14.34
C LEU B 289 -26.48 29.78 -12.96
N LEU B 290 -25.44 30.53 -12.62
CA LEU B 290 -25.35 31.20 -11.32
C LEU B 290 -26.38 32.31 -11.18
N THR B 291 -26.67 32.99 -12.27
CA THR B 291 -27.65 34.06 -12.23
C THR B 291 -29.06 33.46 -12.20
N GLU B 292 -29.24 32.31 -12.85
CA GLU B 292 -30.53 31.62 -12.88
C GLU B 292 -30.94 31.15 -11.49
N GLU B 293 -29.97 30.67 -10.72
CA GLU B 293 -30.25 30.13 -9.41
C GLU B 293 -30.04 31.16 -8.31
N ASN B 294 -30.26 32.43 -8.65
CA ASN B 294 -30.19 33.53 -7.70
C ASN B 294 -28.96 33.51 -6.78
N ILE B 295 -27.80 33.80 -7.36
CA ILE B 295 -26.55 33.85 -6.63
C ILE B 295 -26.51 35.08 -5.73
N ASP B 296 -27.31 36.08 -6.08
CA ASP B 296 -27.41 37.31 -5.30
C ASP B 296 -28.12 37.08 -3.97
N GLN B 297 -28.85 35.97 -3.87
CA GLN B 297 -29.57 35.63 -2.65
C GLN B 297 -28.75 34.72 -1.76
N VAL B 298 -27.82 33.99 -2.37
CA VAL B 298 -27.02 32.99 -1.67
C VAL B 298 -26.24 33.60 -0.51
N ASP B 299 -26.46 33.03 0.68
CA ASP B 299 -25.78 33.47 1.90
C ASP B 299 -24.35 32.96 1.97
N VAL B 300 -24.14 31.70 1.57
CA VAL B 300 -22.79 31.13 1.53
C VAL B 300 -22.55 30.30 0.29
N PHE B 301 -21.55 30.69 -0.50
CA PHE B 301 -21.17 29.93 -1.69
C PHE B 301 -19.90 29.14 -1.38
N ILE B 302 -19.96 27.82 -1.57
CA ILE B 302 -18.86 26.95 -1.17
C ILE B 302 -18.32 26.13 -2.33
N ALA B 303 -17.11 26.43 -2.78
CA ALA B 303 -16.49 25.75 -3.91
C ALA B 303 -15.57 24.62 -3.47
N LEU B 304 -15.99 23.38 -3.71
CA LEU B 304 -15.27 22.24 -3.14
C LEU B 304 -14.72 21.26 -4.17
N THR B 305 -14.35 21.75 -5.34
CA THR B 305 -13.72 20.90 -6.34
C THR B 305 -12.27 20.64 -5.95
N ASN B 306 -11.59 19.77 -6.68
CA ASN B 306 -10.20 19.44 -6.35
C ASN B 306 -9.25 20.43 -7.01
N GLU B 307 -9.79 21.29 -7.87
CA GLU B 307 -9.02 22.27 -8.59
C GLU B 307 -9.08 23.61 -7.87
N ASP B 308 -7.95 24.08 -7.35
CA ASP B 308 -7.93 25.37 -6.64
C ASP B 308 -8.37 26.46 -7.59
N GLU B 309 -7.90 26.35 -8.82
CA GLU B 309 -8.19 27.32 -9.86
C GLU B 309 -9.71 27.48 -10.05
N THR B 310 -10.42 26.36 -10.11
CA THR B 310 -11.87 26.37 -10.22
C THR B 310 -12.50 27.04 -9.01
N ASN B 311 -12.06 26.62 -7.83
CA ASN B 311 -12.65 27.12 -6.59
C ASN B 311 -12.53 28.64 -6.48
N ILE B 312 -11.33 29.13 -6.75
CA ILE B 312 -11.05 30.56 -6.71
C ILE B 312 -11.88 31.35 -7.72
N MET B 313 -11.84 30.93 -8.98
CA MET B 313 -12.62 31.59 -10.02
C MET B 313 -14.11 31.50 -9.73
N SER B 314 -14.54 30.32 -9.30
CA SER B 314 -15.95 30.11 -8.97
C SER B 314 -16.41 31.08 -7.89
N ALA B 315 -15.71 31.08 -6.77
CA ALA B 315 -16.09 31.89 -5.62
C ALA B 315 -16.06 33.39 -5.89
N MET B 316 -15.00 33.84 -6.55
CA MET B 316 -14.84 35.25 -6.88
C MET B 316 -15.94 35.72 -7.81
N LEU B 317 -16.39 34.83 -8.69
CA LEU B 317 -17.50 35.14 -9.57
C LEU B 317 -18.76 35.27 -8.72
N ALA B 318 -18.95 34.33 -7.80
CA ALA B 318 -20.09 34.35 -6.89
C ALA B 318 -20.07 35.60 -6.03
N LYS B 319 -18.90 35.94 -5.52
CA LYS B 319 -18.73 37.14 -4.69
C LYS B 319 -19.00 38.38 -5.53
N ARG B 320 -18.49 38.36 -6.76
CA ARG B 320 -18.69 39.45 -7.70
C ARG B 320 -20.18 39.58 -8.00
N MET B 321 -20.85 38.44 -8.15
CA MET B 321 -22.25 38.43 -8.53
C MET B 321 -23.21 38.61 -7.36
N GLY B 322 -22.67 38.87 -6.17
CA GLY B 322 -23.49 39.34 -5.07
C GLY B 322 -23.75 38.38 -3.91
N ALA B 323 -23.14 37.20 -3.94
CA ALA B 323 -23.24 36.26 -2.83
C ALA B 323 -22.63 36.89 -1.60
N LYS B 324 -23.26 36.71 -0.45
CA LYS B 324 -22.84 37.38 0.78
C LYS B 324 -21.43 36.98 1.22
N LYS B 325 -21.21 35.68 1.40
CA LYS B 325 -19.89 35.17 1.75
C LYS B 325 -19.54 33.98 0.87
N VAL B 326 -18.25 33.83 0.56
CA VAL B 326 -17.79 32.71 -0.23
C VAL B 326 -16.68 31.96 0.49
N MET B 327 -16.75 30.64 0.46
CA MET B 327 -15.71 29.80 1.08
C MET B 327 -15.14 28.85 0.03
N VAL B 328 -13.82 28.68 0.04
CA VAL B 328 -13.17 27.79 -0.92
C VAL B 328 -12.32 26.71 -0.25
N LEU B 329 -12.08 25.63 -0.99
CA LEU B 329 -11.17 24.58 -0.58
C LEU B 329 -9.83 24.75 -1.25
N ILE B 330 -8.78 24.98 -0.48
CA ILE B 330 -7.45 25.15 -1.08
C ILE B 330 -6.51 24.00 -0.75
N GLN B 331 -6.01 23.37 -1.80
CA GLN B 331 -5.13 22.21 -1.68
C GLN B 331 -3.75 22.66 -1.24
N ARG B 332 -3.19 23.63 -1.95
CA ARG B 332 -1.84 24.06 -1.66
C ARG B 332 -1.86 25.02 -0.46
N GLY B 333 -1.38 24.51 0.68
CA GLY B 333 -1.42 25.23 1.94
C GLY B 333 -0.73 26.58 2.00
N ALA B 334 0.20 26.83 1.10
CA ALA B 334 0.97 28.07 1.12
C ALA B 334 0.09 29.29 0.92
N TYR B 335 -0.94 29.14 0.08
CA TYR B 335 -1.78 30.24 -0.32
C TYR B 335 -2.95 30.57 0.63
N VAL B 336 -3.25 29.68 1.57
CA VAL B 336 -4.45 29.83 2.40
C VAL B 336 -4.57 31.15 3.16
N ASP B 337 -3.52 31.56 3.88
CA ASP B 337 -3.57 32.79 4.67
C ASP B 337 -3.80 34.00 3.76
N LEU B 338 -3.27 33.92 2.54
CA LEU B 338 -3.44 34.98 1.56
C LEU B 338 -4.82 35.04 0.95
N VAL B 339 -5.35 33.88 0.57
CA VAL B 339 -6.56 33.80 -0.21
C VAL B 339 -7.76 34.20 0.64
N GLN B 340 -7.65 33.98 1.94
CA GLN B 340 -8.73 34.33 2.83
C GLN B 340 -8.74 35.84 3.11
N GLY B 341 -9.91 36.37 3.45
CA GLY B 341 -9.99 37.71 3.99
C GLY B 341 -10.53 38.81 3.11
N GLY B 342 -9.99 38.94 1.90
CA GLY B 342 -10.38 40.06 1.05
C GLY B 342 -11.64 39.82 0.25
N VAL B 343 -11.49 39.30 -0.95
CA VAL B 343 -12.65 38.98 -1.76
C VAL B 343 -13.25 37.65 -1.34
N ILE B 344 -12.39 36.67 -1.05
CA ILE B 344 -12.87 35.38 -0.56
C ILE B 344 -12.85 35.35 0.97
N ASP B 345 -14.03 35.23 1.57
CA ASP B 345 -14.18 35.32 3.02
C ASP B 345 -13.43 34.24 3.79
N VAL B 346 -13.55 32.99 3.37
CA VAL B 346 -12.95 31.86 4.10
C VAL B 346 -12.24 30.87 3.16
N ALA B 347 -11.03 30.49 3.51
CA ALA B 347 -10.29 29.45 2.79
C ALA B 347 -9.94 28.30 3.72
N ILE B 348 -10.17 27.07 3.25
CA ILE B 348 -9.95 25.89 4.08
C ILE B 348 -9.02 24.89 3.38
N SER B 349 -8.01 24.43 4.13
CA SER B 349 -7.04 23.46 3.61
C SER B 349 -7.12 22.11 4.32
N PRO B 350 -7.20 21.02 3.55
CA PRO B 350 -7.24 19.68 4.13
C PRO B 350 -5.94 19.27 4.79
N GLN B 351 -4.81 19.84 4.35
CA GLN B 351 -3.52 19.51 4.94
C GLN B 351 -3.40 20.17 6.30
N GLN B 352 -3.77 21.45 6.36
CA GLN B 352 -3.79 22.17 7.64
C GLN B 352 -4.66 21.45 8.66
N ALA B 353 -5.89 21.12 8.27
CA ALA B 353 -6.83 20.41 9.12
C ALA B 353 -6.24 19.12 9.68
N THR B 354 -5.49 18.41 8.84
CA THR B 354 -4.86 17.18 9.28
C THR B 354 -3.86 17.50 10.37
N ILE B 355 -3.06 18.55 10.14
CA ILE B 355 -2.05 18.96 11.11
C ILE B 355 -2.69 19.38 12.43
N SER B 356 -3.82 20.07 12.34
CA SER B 356 -4.56 20.44 13.53
C SER B 356 -4.90 19.20 14.34
N ALA B 357 -5.60 18.27 13.70
CA ALA B 357 -6.03 17.01 14.33
C ALA B 357 -4.87 16.21 14.91
N LEU B 358 -3.75 16.19 14.21
CA LEU B 358 -2.59 15.44 14.67
C LEU B 358 -2.06 16.11 15.92
N LEU B 359 -2.32 17.40 16.04
CA LEU B 359 -1.85 18.18 17.20
C LEU B 359 -2.84 18.13 18.37
N THR B 360 -4.07 17.72 18.09
CA THR B 360 -5.05 17.52 19.16
C THR B 360 -4.69 16.24 19.88
N HIS B 361 -3.96 15.36 19.18
CA HIS B 361 -3.44 14.12 19.77
C HIS B 361 -2.16 14.45 20.50
N VAL B 362 -1.56 15.56 20.11
CA VAL B 362 -0.39 16.05 20.81
C VAL B 362 -0.88 16.70 22.10
N ARG B 363 -1.98 17.44 22.01
CA ARG B 363 -2.57 18.11 23.17
C ARG B 363 -3.13 17.18 24.25
N ARG B 364 -3.56 15.97 23.87
CA ARG B 364 -4.02 14.97 24.83
C ARG B 364 -2.89 14.23 25.55
N ALA B 365 -1.73 14.15 24.90
CA ALA B 365 -0.59 13.42 25.44
C ALA B 365 0.32 14.34 26.27
N ASP B 366 -0.15 15.56 26.49
CA ASP B 366 0.51 16.57 27.32
C ASP B 366 1.88 17.02 26.82
N ILE B 367 2.02 17.16 25.50
CA ILE B 367 3.20 17.79 24.93
C ILE B 367 2.82 19.21 24.49
N VAL B 368 3.70 20.19 24.69
CA VAL B 368 3.32 21.53 24.27
C VAL B 368 3.53 21.57 22.76
N ASN B 369 2.54 22.10 22.06
CA ASN B 369 2.56 22.17 20.60
C ASN B 369 2.48 23.60 20.11
N VAL B 370 3.37 23.96 19.21
CA VAL B 370 3.34 25.27 18.60
C VAL B 370 2.40 25.22 17.40
N SER B 371 1.69 26.31 17.11
CA SER B 371 0.96 26.40 15.86
C SER B 371 0.95 27.87 15.50
N SER B 372 1.06 28.13 14.20
CA SER B 372 1.00 29.48 13.68
C SER B 372 -0.44 29.81 13.37
N LEU B 373 -0.83 31.05 13.62
CA LEU B 373 -2.19 31.46 13.29
C LEU B 373 -2.27 32.04 11.87
N ARG B 374 -3.48 32.39 11.48
CA ARG B 374 -3.76 32.92 10.16
C ARG B 374 -3.02 34.22 9.86
N ARG B 375 -2.21 34.19 8.80
CA ARG B 375 -1.42 35.34 8.33
C ARG B 375 -0.35 35.76 9.33
N GLY B 376 0.00 34.87 10.25
CA GLY B 376 1.01 35.13 11.26
C GLY B 376 0.52 36.13 12.27
N ALA B 377 -0.73 36.00 12.67
CA ALA B 377 -1.34 36.96 13.59
C ALA B 377 -0.74 36.81 14.99
N ALA B 378 -0.19 35.62 15.22
CA ALA B 378 0.41 35.22 16.50
C ALA B 378 0.75 33.75 16.36
N GLU B 379 1.73 33.26 17.12
CA GLU B 379 1.89 31.83 17.19
C GLU B 379 1.31 31.36 18.52
N ALA B 380 0.44 30.35 18.44
CA ALA B 380 -0.26 29.83 19.61
C ALA B 380 0.29 28.52 20.11
N ILE B 381 0.43 28.41 21.44
CA ILE B 381 0.83 27.16 22.05
C ILE B 381 0.02 26.92 23.31
N GLU B 382 -0.09 25.66 23.70
CA GLU B 382 -0.74 25.31 24.94
C GLU B 382 0.27 24.48 25.73
N ALA B 383 0.51 24.88 26.97
CA ALA B 383 1.51 24.22 27.80
C ALA B 383 0.95 23.74 29.13
N VAL B 384 1.59 22.74 29.71
CA VAL B 384 1.19 22.18 30.99
C VAL B 384 2.11 22.64 32.12
N ALA B 385 1.53 22.99 33.26
CA ALA B 385 2.30 23.41 34.43
C ALA B 385 2.64 22.21 35.35
N HIS B 386 3.83 21.64 35.14
CA HIS B 386 4.29 20.50 35.92
C HIS B 386 4.99 20.89 37.22
N GLY B 387 4.69 20.16 38.29
CA GLY B 387 5.36 20.37 39.57
C GLY B 387 4.63 21.24 40.58
N ASP B 388 5.23 21.42 41.75
CA ASP B 388 4.68 22.30 42.77
C ASP B 388 5.42 23.63 42.76
N GLU B 389 5.17 24.46 43.76
CA GLU B 389 5.84 25.75 43.86
C GLU B 389 7.36 25.59 43.98
N THR B 390 7.76 24.48 44.57
CA THR B 390 9.17 24.24 44.87
C THR B 390 10.00 23.92 43.63
N THR B 391 9.40 23.19 42.68
CA THR B 391 10.17 22.73 41.54
C THR B 391 9.81 23.47 40.24
N SER B 392 8.66 24.13 40.25
CA SER B 392 8.22 24.89 39.09
C SER B 392 8.37 26.39 39.32
N LYS B 393 8.58 27.12 38.24
CA LYS B 393 8.74 28.57 38.32
C LYS B 393 7.43 29.27 37.96
N VAL B 394 6.37 28.49 37.83
CA VAL B 394 5.08 29.00 37.38
C VAL B 394 3.90 28.57 38.26
N VAL B 395 3.90 27.32 38.69
CA VAL B 395 2.85 26.79 39.57
C VAL B 395 2.76 27.58 40.86
N GLY B 396 1.55 27.99 41.21
CA GLY B 396 1.32 28.75 42.43
C GLY B 396 1.23 30.24 42.17
N ARG B 397 2.00 30.74 41.22
CA ARG B 397 1.99 32.16 40.92
C ARG B 397 0.76 32.60 40.14
N ALA B 398 0.39 33.87 40.31
CA ALA B 398 -0.69 34.46 39.53
C ALA B 398 -0.09 34.97 38.23
N ILE B 399 -0.90 35.02 37.19
CA ILE B 399 -0.45 35.42 35.86
C ILE B 399 0.24 36.79 35.88
N GLY B 400 -0.28 37.70 36.68
CA GLY B 400 0.26 39.04 36.81
C GLY B 400 1.63 39.10 37.46
N ASP B 401 2.10 37.99 38.01
CA ASP B 401 3.40 37.95 38.65
C ASP B 401 4.35 36.95 37.97
N ILE B 402 4.05 36.62 36.72
CA ILE B 402 4.88 35.73 35.92
C ILE B 402 5.65 36.50 34.85
N LYS B 403 6.97 36.37 34.86
CA LYS B 403 7.82 37.01 33.84
C LYS B 403 7.76 36.28 32.50
N LEU B 404 6.71 36.55 31.73
CA LEU B 404 6.57 35.96 30.40
C LEU B 404 7.48 36.71 29.43
N PRO B 405 7.94 36.02 28.37
CA PRO B 405 8.73 36.70 27.33
C PRO B 405 7.91 37.78 26.64
N PRO B 406 8.56 38.72 25.94
CA PRO B 406 7.86 39.76 25.16
C PRO B 406 6.99 39.16 24.06
N GLY B 407 5.87 39.82 23.77
CA GLY B 407 4.97 39.37 22.73
C GLY B 407 4.12 38.19 23.16
N THR B 408 4.28 37.77 24.41
CA THR B 408 3.60 36.58 24.92
C THR B 408 2.39 36.96 25.76
N THR B 409 1.25 36.35 25.44
CA THR B 409 -0.01 36.64 26.11
C THR B 409 -0.67 35.33 26.52
N ILE B 410 -0.95 35.19 27.82
CA ILE B 410 -1.73 34.05 28.30
C ILE B 410 -3.21 34.36 28.08
N GLY B 411 -3.90 33.47 27.36
CA GLY B 411 -5.27 33.74 26.97
C GLY B 411 -6.30 33.05 27.85
N ALA B 412 -5.95 31.87 28.36
CA ALA B 412 -6.85 31.12 29.23
C ALA B 412 -6.09 30.03 29.97
N VAL B 413 -6.69 29.54 31.04
CA VAL B 413 -6.12 28.42 31.76
C VAL B 413 -7.20 27.33 31.82
N VAL B 414 -6.82 26.11 31.52
CA VAL B 414 -7.78 25.01 31.53
C VAL B 414 -7.52 24.02 32.63
N ARG B 415 -8.41 23.98 33.61
CA ARG B 415 -8.29 23.09 34.75
C ARG B 415 -9.35 22.01 34.67
N GLY B 416 -8.94 20.83 34.22
CA GLY B 416 -9.86 19.73 34.00
C GLY B 416 -10.80 20.02 32.85
N GLU B 417 -12.09 20.10 33.18
CA GLU B 417 -13.12 20.45 32.21
C GLU B 417 -13.47 21.92 32.38
N GLU B 418 -12.74 22.61 33.24
CA GLU B 418 -13.04 24.02 33.50
C GLU B 418 -12.13 24.99 32.74
N VAL B 419 -12.75 25.91 32.01
CA VAL B 419 -12.01 26.88 31.23
C VAL B 419 -12.06 28.25 31.87
N LEU B 420 -10.92 28.67 32.41
CA LEU B 420 -10.83 29.98 33.05
C LEU B 420 -10.21 30.97 32.07
N ILE B 421 -10.97 32.00 31.72
CA ILE B 421 -10.41 33.06 30.89
C ILE B 421 -9.35 33.76 31.71
N ALA B 422 -8.16 33.88 31.14
CA ALA B 422 -7.01 34.39 31.85
C ALA B 422 -7.21 35.81 32.36
N HIS B 423 -6.93 36.01 33.65
CA HIS B 423 -6.93 37.32 34.26
C HIS B 423 -5.67 37.46 35.08
N ASP B 424 -5.31 38.69 35.43
CA ASP B 424 -4.06 38.94 36.14
C ASP B 424 -4.04 38.23 37.50
N ARG B 425 -5.22 38.11 38.12
CA ARG B 425 -5.31 37.54 39.47
C ARG B 425 -5.40 36.01 39.43
N THR B 426 -5.69 35.47 38.25
CA THR B 426 -5.80 34.03 38.09
C THR B 426 -4.49 33.33 38.43
N VAL B 427 -4.58 32.36 39.34
CA VAL B 427 -3.42 31.60 39.77
C VAL B 427 -3.33 30.27 39.04
N ILE B 428 -2.16 29.99 38.47
CA ILE B 428 -1.93 28.71 37.84
C ILE B 428 -1.76 27.63 38.92
N GLU B 429 -2.61 26.62 38.88
CA GLU B 429 -2.49 25.48 39.77
C GLU B 429 -1.73 24.38 39.05
N GLN B 430 -1.44 23.28 39.73
CA GLN B 430 -0.60 22.24 39.15
C GLN B 430 -1.30 21.47 38.03
N ASP B 431 -0.52 21.12 37.01
CA ASP B 431 -1.02 20.38 35.84
C ASP B 431 -2.11 21.14 35.08
N ASP B 432 -2.19 22.45 35.30
CA ASP B 432 -3.08 23.33 34.54
C ASP B 432 -2.64 23.32 33.08
N HIS B 433 -3.56 23.66 32.19
CA HIS B 433 -3.22 23.87 30.80
C HIS B 433 -3.28 25.34 30.49
N VAL B 434 -2.11 25.94 30.29
CA VAL B 434 -2.02 27.36 30.02
C VAL B 434 -1.91 27.55 28.51
N VAL B 435 -2.86 28.27 27.93
CA VAL B 435 -2.84 28.50 26.49
C VAL B 435 -2.36 29.92 26.22
N MET B 436 -1.26 30.05 25.47
CA MET B 436 -0.61 31.33 25.27
C MET B 436 -0.45 31.65 23.79
N PHE B 437 -0.26 32.93 23.49
CA PHE B 437 -0.01 33.36 22.12
C PHE B 437 1.23 34.23 22.04
N LEU B 438 2.11 33.91 21.08
CA LEU B 438 3.34 34.66 20.88
C LEU B 438 3.31 35.34 19.53
N VAL B 439 3.80 36.57 19.46
CA VAL B 439 3.93 37.26 18.18
C VAL B 439 5.14 36.74 17.39
N ASP B 440 6.12 36.19 18.10
CA ASP B 440 7.37 35.74 17.49
C ASP B 440 7.74 34.31 17.87
N LYS B 441 8.11 33.51 16.87
CA LYS B 441 8.50 32.12 17.11
C LYS B 441 9.88 32.03 17.77
N LYS B 442 10.60 33.16 17.80
CA LYS B 442 11.92 33.18 18.40
C LYS B 442 11.88 33.12 19.93
N TYR B 443 10.72 33.40 20.51
CA TYR B 443 10.55 33.32 21.95
C TYR B 443 9.84 32.04 22.37
N VAL B 444 9.57 31.16 21.41
CA VAL B 444 8.91 29.89 21.67
C VAL B 444 9.61 28.96 22.69
N PRO B 445 10.91 28.67 22.50
CA PRO B 445 11.58 27.75 23.44
C PRO B 445 11.74 28.33 24.84
N ASP B 446 11.67 29.65 24.95
CA ASP B 446 11.81 30.32 26.24
C ASP B 446 10.65 29.99 27.16
N VAL B 447 9.46 29.93 26.57
CA VAL B 447 8.25 29.56 27.30
C VAL B 447 8.32 28.14 27.86
N GLU B 448 8.93 27.22 27.12
CA GLU B 448 9.11 25.85 27.59
C GLU B 448 9.88 25.82 28.91
N ALA B 449 10.94 26.63 28.98
CA ALA B 449 11.78 26.72 30.17
C ALA B 449 10.96 27.08 31.40
N LEU B 450 9.99 27.96 31.23
CA LEU B 450 9.12 28.38 32.34
C LEU B 450 8.38 27.21 32.93
N PHE B 451 7.85 26.36 32.04
CA PHE B 451 6.94 25.30 32.45
C PHE B 451 7.66 23.97 32.72
N GLN B 452 8.95 23.91 32.40
CA GLN B 452 9.77 22.75 32.71
C GLN B 452 10.32 22.87 34.12
N PRO B 453 9.87 21.98 35.03
CA PRO B 453 10.36 22.02 36.42
C PRO B 453 11.79 21.50 36.53
N SER B 454 12.40 21.68 37.70
CA SER B 454 13.75 21.16 37.95
C SER B 454 13.71 19.63 38.08
#